data_8XK3
#
_entry.id   8XK3
#
_cell.length_a   1.00
_cell.length_b   1.00
_cell.length_c   1.00
_cell.angle_alpha   90.00
_cell.angle_beta   90.00
_cell.angle_gamma   90.00
#
_symmetry.space_group_name_H-M   'P 1'
#
loop_
_entity.id
_entity.type
_entity.pdbx_description
1 polymer KmAgo
2 polymer 'guide DNA'
3 polymer 'target DNA-1'
4 polymer 'target DNA-2'
5 non-polymer 'MANGANESE (II) ION'
6 water water
#
loop_
_entity_poly.entity_id
_entity_poly.type
_entity_poly.pdbx_seq_one_letter_code
_entity_poly.pdbx_strand_id
1 'polypeptide(L)'
;MEAYITEMVSRERANELEVYVYVFPRKQSDNNYEGVYHIMRAWQRANDLPLAYNQHTIMAFSPVRHMCGYTPMETQKRHI
NIDSPFERALLERLIKNSLIFTAERHLHAKRVGHALRLNQVQQIRQVIIYEAIELYVNIIENRISIGFHLTHQFEYVYTL
QSMIEQGKTIRPGMRVVHSNGRQHYTYTVENVATYGVTDRCPLLQTSIYQYYVEKGAQHILRTFTRSTRVIHVRTKEQRL
SYAATLLKPLCTFETMQPQDVLNVSKCIKLSASKRMKCTYRWIQQLRAQYRHLTFAPNPFTIAQNGYKLDQLSTPKVHFH
RDYATVVSGMKTGKLYKGGNIKISVLFDEDFYLKHHITKKDIYQFIAVLQKIAIAQGVNMTISTSTKSITGKFTDDFFHH
FTEEVEALQPIFAQTTVLAFITSTHLSNKKTRSYQLLKQYFGGKWDIASQVITEKTIEAFQKILHKHGLKNFYPNDEQHC
LRVIDVLKNESFYYTVMNILLGVYVKSGIQPWILANTTHSDCFIGIDVSHENGNSAAGMMNVIGSQGHLIQQAPLNGILA
GEKIDDTLLANLLKQMIKAYHTQFQRFPKHITIHRDGFWREHTALVEKIMSHYEITYDIVEIIKKPNRRMAFFNSVDNTF
STRQGTVYQRGNEAFLCATNPQQKVGMAQPIKIHQVTKTLPFSHIIEDVYNLSFLHIHAMNKMRLPATIHYADLSATAYQ
RGQVMPRSGNQTNLPFV
;
A
2 'polydeoxyribonucleotide' (DT)(DG)(DA)(DG)(DG)(DT)(DA)(DG)(DT)(DA)(DG)(DG)(DT)(DT)(DG)(DT)(DA)(DT) B
3 'polydeoxyribonucleotide' (DT)(DA)(DC)(DT)(DA)(DC)(DC)(DT)(DC)(DA) C
4 'polydeoxyribonucleotide' (DT)(DA)(DT)(DA)(DC)(DA)(DA)(DC)(DC) c
#
loop_
_chem_comp.id
_chem_comp.type
_chem_comp.name
_chem_comp.formula
DA DNA linking 2'-DEOXYADENOSINE-5'-MONOPHOSPHATE 'C10 H14 N5 O6 P'
DC DNA linking 2'-DEOXYCYTIDINE-5'-MONOPHOSPHATE 'C9 H14 N3 O7 P'
DG DNA linking 2'-DEOXYGUANOSINE-5'-MONOPHOSPHATE 'C10 H14 N5 O7 P'
DT DNA linking THYMIDINE-5'-MONOPHOSPHATE 'C10 H15 N2 O8 P'
MN non-polymer 'MANGANESE (II) ION' 'Mn 2'
#
# COMPACT_ATOMS: atom_id res chain seq x y z
N MET A 1 -2.43 23.30 20.79
CA MET A 1 -1.82 22.61 19.66
C MET A 1 -2.64 22.79 18.38
N GLU A 2 -2.12 23.59 17.47
CA GLU A 2 -2.79 23.81 16.19
C GLU A 2 -2.67 22.58 15.31
N ALA A 3 -3.61 22.43 14.39
CA ALA A 3 -3.59 21.36 13.41
C ALA A 3 -3.14 21.91 12.07
N TYR A 4 -2.10 21.29 11.51
CA TYR A 4 -1.46 21.76 10.29
C TYR A 4 -1.69 20.78 9.15
N ILE A 5 -1.82 21.33 7.95
CA ILE A 5 -1.92 20.54 6.73
C ILE A 5 -0.88 21.07 5.74
N THR A 6 -0.51 20.20 4.80
CA THR A 6 0.55 20.51 3.84
C THR A 6 -0.07 21.09 2.56
N GLU A 7 -0.81 22.18 2.75
CA GLU A 7 -1.54 22.84 1.68
C GLU A 7 -1.64 24.34 1.99
N MET A 8 -2.07 25.11 0.99
CA MET A 8 -2.45 26.50 1.21
C MET A 8 -3.49 26.91 0.19
N VAL A 9 -4.28 27.93 0.55
CA VAL A 9 -5.32 28.48 -0.31
C VAL A 9 -5.04 29.96 -0.52
N SER A 10 -5.25 30.42 -1.75
CA SER A 10 -4.95 31.79 -2.12
C SER A 10 -6.07 32.73 -1.71
N ARG A 11 -5.73 34.02 -1.58
CA ARG A 11 -6.74 35.05 -1.34
C ARG A 11 -7.52 35.40 -2.59
N GLU A 12 -6.90 35.35 -3.75
CA GLU A 12 -7.57 35.68 -5.00
C GLU A 12 -8.46 34.54 -5.46
N ARG A 13 -9.64 34.90 -5.96
CA ARG A 13 -10.53 33.91 -6.54
C ARG A 13 -10.04 33.51 -7.93
N ALA A 14 -10.57 32.38 -8.41
CA ALA A 14 -10.15 31.89 -9.72
C ALA A 14 -10.53 32.87 -10.83
N ASN A 15 -11.72 33.46 -10.75
CA ASN A 15 -12.20 34.37 -11.79
C ASN A 15 -11.72 35.79 -11.61
N GLU A 16 -10.93 36.07 -10.57
CA GLU A 16 -10.37 37.39 -10.34
C GLU A 16 -9.00 37.56 -10.99
N LEU A 17 -8.53 36.56 -11.72
CA LEU A 17 -7.21 36.59 -12.35
C LEU A 17 -7.34 36.99 -13.81
N GLU A 18 -6.49 37.93 -14.24
CA GLU A 18 -6.49 38.42 -15.61
C GLU A 18 -5.42 37.67 -16.40
N VAL A 19 -5.84 37.01 -17.48
CA VAL A 19 -4.96 36.17 -18.29
C VAL A 19 -5.17 36.52 -19.76
N TYR A 20 -4.22 36.07 -20.58
CA TYR A 20 -4.26 36.22 -22.02
C TYR A 20 -4.52 34.86 -22.65
N VAL A 21 -5.43 34.83 -23.62
CA VAL A 21 -5.83 33.58 -24.27
C VAL A 21 -5.53 33.68 -25.77
N TYR A 22 -4.80 32.70 -26.28
CA TYR A 22 -4.49 32.60 -27.70
C TYR A 22 -5.10 31.31 -28.25
N VAL A 23 -5.80 31.41 -29.36
CA VAL A 23 -6.50 30.29 -29.96
C VAL A 23 -5.96 30.05 -31.35
N PHE A 24 -5.62 28.80 -31.66
CA PHE A 24 -5.07 28.39 -32.94
C PHE A 24 -6.04 27.46 -33.67
N PRO A 25 -6.02 27.45 -35.01
CA PRO A 25 -6.89 26.57 -35.79
C PRO A 25 -6.65 25.09 -35.51
N ASN A 32 -6.50 14.65 -31.54
CA ASN A 32 -5.08 14.90 -31.30
C ASN A 32 -4.88 15.84 -30.12
N TYR A 33 -4.27 15.31 -29.06
CA TYR A 33 -4.03 16.08 -27.84
C TYR A 33 -2.65 16.71 -27.79
N GLU A 34 -1.79 16.47 -28.78
CA GLU A 34 -0.52 17.17 -28.83
C GLU A 34 -0.71 18.66 -29.10
N GLY A 35 -1.60 19.00 -30.02
CA GLY A 35 -2.03 20.39 -30.18
C GLY A 35 -0.91 21.32 -30.58
N VAL A 36 -0.65 22.31 -29.72
CA VAL A 36 0.24 23.42 -30.03
C VAL A 36 1.46 23.34 -29.13
N TYR A 37 1.88 22.13 -28.80
CA TYR A 37 3.02 21.90 -27.94
C TYR A 37 4.30 22.52 -28.53
N HIS A 38 4.51 22.34 -29.83
CA HIS A 38 5.67 22.94 -30.49
C HIS A 38 5.60 24.46 -30.43
N ILE A 39 4.40 25.03 -30.59
CA ILE A 39 4.23 26.47 -30.47
C ILE A 39 4.56 26.93 -29.07
N MET A 40 4.12 26.19 -28.05
CA MET A 40 4.50 26.52 -26.68
C MET A 40 6.01 26.55 -26.50
N ARG A 41 6.67 25.53 -27.04
CA ARG A 41 8.13 25.40 -26.85
C ARG A 41 8.83 26.56 -27.53
N ALA A 42 8.42 26.90 -28.74
CA ALA A 42 9.03 28.01 -29.47
C ALA A 42 8.80 29.33 -28.74
N TRP A 43 7.56 29.57 -28.30
CA TRP A 43 7.24 30.82 -27.64
C TRP A 43 8.01 30.98 -26.33
N GLN A 44 8.12 29.91 -25.55
CA GLN A 44 8.79 30.06 -24.26
C GLN A 44 10.31 30.07 -24.38
N ARG A 45 10.87 29.45 -25.43
CA ARG A 45 12.31 29.62 -25.64
C ARG A 45 12.64 30.99 -26.22
N ALA A 46 11.69 31.63 -26.91
CA ALA A 46 11.96 32.94 -27.47
C ALA A 46 11.54 34.11 -26.59
N ASN A 47 10.70 33.88 -25.58
CA ASN A 47 10.10 34.98 -24.83
C ASN A 47 10.50 35.04 -23.36
N ASP A 48 10.97 33.93 -22.78
CA ASP A 48 11.34 33.86 -21.37
C ASP A 48 10.15 34.24 -20.48
N LEU A 49 9.10 33.43 -20.59
CA LEU A 49 7.84 33.70 -19.92
C LEU A 49 7.20 32.38 -19.53
N PRO A 50 6.45 32.33 -18.43
CA PRO A 50 5.69 31.12 -18.10
C PRO A 50 4.47 30.99 -19.01
N LEU A 51 4.29 29.81 -19.57
CA LEU A 51 3.17 29.53 -20.48
C LEU A 51 2.55 28.19 -20.11
N ALA A 52 1.47 27.86 -20.83
CA ALA A 52 0.81 26.56 -20.76
C ALA A 52 -0.14 26.48 -21.93
N TYR A 53 -0.47 25.26 -22.35
CA TYR A 53 -1.47 25.08 -23.39
C TYR A 53 -2.44 24.00 -22.96
N ASN A 54 -3.49 23.84 -23.76
CA ASN A 54 -4.43 22.73 -23.59
C ASN A 54 -5.11 22.53 -24.92
N GLN A 55 -4.88 21.37 -25.54
CA GLN A 55 -5.30 21.12 -26.92
C GLN A 55 -4.76 22.22 -27.85
N HIS A 56 -5.61 23.17 -28.24
CA HIS A 56 -5.21 24.19 -29.20
C HIS A 56 -5.28 25.60 -28.65
N THR A 57 -5.27 25.75 -27.32
CA THR A 57 -5.37 27.06 -26.68
C THR A 57 -4.18 27.26 -25.76
N ILE A 58 -3.61 28.46 -25.79
CA ILE A 58 -2.47 28.84 -24.97
C ILE A 58 -2.88 29.99 -24.05
N MET A 59 -2.51 29.89 -22.78
CA MET A 59 -2.81 30.92 -21.78
C MET A 59 -1.52 31.39 -21.13
N ALA A 60 -1.42 32.70 -20.90
CA ALA A 60 -0.25 33.29 -20.28
C ALA A 60 -0.68 34.43 -19.37
N PHE A 61 0.19 34.77 -18.43
CA PHE A 61 -0.07 35.87 -17.50
C PHE A 61 0.36 37.22 -18.06
N SER A 62 1.23 37.24 -19.06
CA SER A 62 1.74 38.47 -19.65
C SER A 62 1.66 38.38 -21.16
N PRO A 63 1.56 39.52 -21.85
CA PRO A 63 1.48 39.49 -23.31
C PRO A 63 2.76 38.95 -23.93
N VAL A 64 2.60 38.26 -25.05
CA VAL A 64 3.71 37.62 -25.75
C VAL A 64 4.06 38.47 -26.96
N ARG A 65 5.32 38.91 -27.04
CA ARG A 65 5.76 39.81 -28.10
C ARG A 65 6.38 39.03 -29.27
N HIS A 66 7.46 38.29 -29.00
CA HIS A 66 8.14 37.53 -30.05
C HIS A 66 7.37 36.23 -30.29
N MET A 67 6.67 36.18 -31.42
CA MET A 67 5.77 35.07 -31.71
C MET A 67 6.31 34.10 -32.75
N CYS A 68 7.54 34.31 -33.22
CA CYS A 68 8.23 33.39 -34.13
C CYS A 68 7.41 33.13 -35.39
N GLY A 69 6.76 34.16 -35.90
CA GLY A 69 5.98 34.04 -37.12
C GLY A 69 4.80 33.09 -37.01
N TYR A 70 4.02 33.21 -35.93
CA TYR A 70 2.84 32.40 -35.72
C TYR A 70 1.63 33.30 -35.55
N THR A 71 0.56 33.00 -36.29
CA THR A 71 -0.63 33.84 -36.31
C THR A 71 -1.81 33.08 -35.72
N PRO A 72 -2.23 33.40 -34.50
CA PRO A 72 -3.43 32.78 -33.93
C PRO A 72 -4.69 33.39 -34.54
N MET A 73 -5.81 32.70 -34.32
CA MET A 73 -7.09 33.21 -34.79
C MET A 73 -7.58 34.37 -33.94
N GLU A 74 -7.77 34.12 -32.64
CA GLU A 74 -8.36 35.08 -31.73
C GLU A 74 -7.43 35.31 -30.55
N THR A 75 -7.22 36.58 -30.20
CA THR A 75 -6.45 36.96 -29.03
C THR A 75 -7.36 37.74 -28.08
N GLN A 76 -7.42 37.30 -26.83
CA GLN A 76 -8.32 37.90 -25.85
C GLN A 76 -7.61 38.08 -24.52
N LYS A 77 -7.93 39.17 -23.84
CA LYS A 77 -7.50 39.40 -22.47
C LYS A 77 -8.76 39.44 -21.61
N ARG A 78 -9.02 38.35 -20.90
CA ARG A 78 -10.28 38.18 -20.18
C ARG A 78 -10.00 37.42 -18.88
N HIS A 79 -11.07 36.96 -18.26
CA HIS A 79 -11.01 36.12 -17.06
C HIS A 79 -11.29 34.67 -17.44
N ILE A 80 -11.35 33.82 -16.43
CA ILE A 80 -11.69 32.42 -16.61
C ILE A 80 -13.20 32.25 -16.55
N ASN A 81 -13.70 31.21 -17.21
CA ASN A 81 -15.08 30.78 -17.08
C ASN A 81 -15.12 29.57 -16.17
N ILE A 82 -15.73 29.71 -15.00
CA ILE A 82 -15.72 28.64 -14.00
C ILE A 82 -16.49 27.42 -14.49
N ASP A 83 -17.56 27.62 -15.24
CA ASP A 83 -18.36 26.51 -15.73
C ASP A 83 -17.62 25.61 -16.71
N SER A 84 -16.47 26.05 -17.22
CA SER A 84 -15.71 25.27 -18.18
C SER A 84 -14.58 24.54 -17.47
N PRO A 85 -14.61 23.20 -17.40
CA PRO A 85 -13.45 22.48 -16.84
C PRO A 85 -12.19 22.64 -17.67
N PHE A 86 -12.31 22.88 -18.98
CA PHE A 86 -11.15 23.09 -19.83
C PHE A 86 -10.35 24.30 -19.37
N GLU A 87 -11.02 25.41 -19.10
CA GLU A 87 -10.33 26.62 -18.67
C GLU A 87 -9.75 26.46 -17.26
N ARG A 88 -10.44 25.74 -16.38
CA ARG A 88 -9.89 25.47 -15.06
C ARG A 88 -8.61 24.64 -15.15
N ALA A 89 -8.61 23.62 -15.99
CA ALA A 89 -7.40 22.81 -16.17
C ALA A 89 -6.27 23.64 -16.75
N LEU A 90 -6.57 24.48 -17.75
CA LEU A 90 -5.53 25.31 -18.33
C LEU A 90 -4.97 26.31 -17.32
N LEU A 91 -5.83 26.89 -16.48
CA LEU A 91 -5.35 27.82 -15.47
C LEU A 91 -4.51 27.11 -14.43
N GLU A 92 -4.90 25.89 -14.04
CA GLU A 92 -4.08 25.13 -13.09
C GLU A 92 -2.70 24.83 -13.66
N ARG A 93 -2.65 24.45 -14.94
CA ARG A 93 -1.36 24.20 -15.58
C ARG A 93 -0.52 25.48 -15.62
N LEU A 94 -1.14 26.61 -15.95
CA LEU A 94 -0.40 27.86 -15.99
C LEU A 94 0.15 28.24 -14.61
N ILE A 95 -0.65 28.03 -13.55
CA ILE A 95 -0.19 28.35 -12.21
C ILE A 95 0.97 27.47 -11.81
N LYS A 96 0.88 26.16 -12.10
CA LYS A 96 1.97 25.25 -11.78
C LYS A 96 3.25 25.62 -12.53
N ASN A 97 3.12 25.95 -13.82
CA ASN A 97 4.28 26.35 -14.60
C ASN A 97 4.89 27.63 -14.08
N SER A 98 4.06 28.59 -13.66
CA SER A 98 4.58 29.83 -13.09
C SER A 98 5.35 29.57 -11.80
N LEU A 99 4.82 28.69 -10.94
CA LEU A 99 5.53 28.36 -9.72
C LEU A 99 6.87 27.69 -10.00
N ILE A 100 6.89 26.75 -10.95
CA ILE A 100 8.14 26.07 -11.30
C ILE A 100 9.14 27.06 -11.90
N PHE A 101 8.65 27.97 -12.74
CA PHE A 101 9.49 29.01 -13.32
C PHE A 101 10.15 29.86 -12.24
N THR A 102 9.35 30.32 -11.28
CA THR A 102 9.90 31.14 -10.19
C THR A 102 10.91 30.36 -9.36
N ALA A 103 10.61 29.09 -9.06
CA ALA A 103 11.54 28.28 -8.29
C ALA A 103 12.86 28.10 -9.02
N GLU A 104 12.79 27.80 -10.31
CA GLU A 104 14.00 27.59 -11.09
C GLU A 104 14.86 28.85 -11.16
N ARG A 105 14.24 30.01 -11.35
CA ARG A 105 15.04 31.23 -11.46
C ARG A 105 15.60 31.66 -10.12
N HIS A 106 14.80 31.65 -9.06
CA HIS A 106 15.17 32.31 -7.82
C HIS A 106 15.65 31.35 -6.72
N LEU A 107 15.69 30.05 -6.99
CA LEU A 107 16.08 29.10 -5.95
C LEU A 107 17.05 28.03 -6.44
N HIS A 108 17.49 28.08 -7.70
CA HIS A 108 18.44 27.12 -8.26
C HIS A 108 17.90 25.69 -8.14
N ALA A 109 16.66 25.50 -8.61
CA ALA A 109 16.00 24.21 -8.59
C ALA A 109 16.02 23.62 -9.99
N LYS A 110 16.20 22.31 -10.07
CA LYS A 110 16.28 21.60 -11.34
C LYS A 110 15.07 20.69 -11.49
N ARG A 111 14.43 20.74 -12.66
CA ARG A 111 13.22 19.95 -12.92
C ARG A 111 13.65 18.56 -13.36
N VAL A 112 14.02 17.74 -12.37
CA VAL A 112 14.54 16.40 -12.60
C VAL A 112 13.42 15.40 -12.32
N GLY A 113 13.01 14.66 -13.35
CA GLY A 113 11.97 13.66 -13.15
C GLY A 113 10.62 14.32 -12.93
N HIS A 114 9.86 13.78 -11.98
CA HIS A 114 8.54 14.29 -11.65
C HIS A 114 8.57 15.37 -10.58
N ALA A 115 9.73 15.67 -10.02
CA ALA A 115 9.82 16.63 -8.92
C ALA A 115 10.84 17.73 -9.22
N LEU A 116 11.14 18.54 -8.22
CA LEU A 116 12.13 19.61 -8.32
C LEU A 116 13.30 19.28 -7.41
N ARG A 117 14.43 18.92 -7.98
CA ARG A 117 15.63 18.70 -7.18
C ARG A 117 16.12 20.03 -6.63
N LEU A 118 16.39 20.08 -5.33
CA LEU A 118 16.69 21.32 -4.64
C LEU A 118 18.13 21.40 -4.16
N ASN A 119 18.57 20.46 -3.32
CA ASN A 119 19.90 20.52 -2.76
C ASN A 119 20.29 19.15 -2.21
N GLN A 120 21.58 18.85 -2.27
CA GLN A 120 22.09 17.61 -1.71
C GLN A 120 22.30 17.78 -0.21
N VAL A 121 21.86 16.78 0.55
CA VAL A 121 21.91 16.87 2.01
C VAL A 121 22.94 15.92 2.61
N GLN A 122 23.20 14.77 1.99
CA GLN A 122 24.12 13.79 2.52
C GLN A 122 25.01 13.26 1.40
N GLN A 123 26.23 12.89 1.77
CA GLN A 123 27.18 12.22 0.88
C GLN A 123 27.54 10.90 1.55
N ILE A 124 26.74 9.87 1.30
CA ILE A 124 26.92 8.57 1.97
C ILE A 124 27.82 7.73 1.06
N ARG A 125 29.12 7.95 1.21
CA ARG A 125 30.15 7.11 0.59
C ARG A 125 29.87 6.86 -0.89
N GLN A 126 29.96 7.95 -1.66
CA GLN A 126 29.77 7.96 -3.10
C GLN A 126 28.31 7.80 -3.50
N VAL A 127 27.38 8.13 -2.61
CA VAL A 127 25.96 8.18 -2.90
C VAL A 127 25.44 9.54 -2.44
N ILE A 128 24.70 10.23 -3.32
CA ILE A 128 24.16 11.55 -3.01
C ILE A 128 22.67 11.41 -2.77
N ILE A 129 22.19 12.02 -1.70
CA ILE A 129 20.76 12.11 -1.41
C ILE A 129 20.36 13.57 -1.58
N TYR A 130 19.43 13.82 -2.50
CA TYR A 130 18.89 15.15 -2.75
C TYR A 130 17.55 15.33 -2.05
N GLU A 131 17.12 16.57 -1.96
CA GLU A 131 15.77 16.89 -1.52
C GLU A 131 14.94 17.34 -2.71
N ALA A 132 13.74 16.78 -2.83
CA ALA A 132 12.85 17.07 -3.94
C ALA A 132 11.46 17.38 -3.41
N ILE A 133 10.70 18.14 -4.17
CA ILE A 133 9.36 18.55 -3.77
C ILE A 133 8.41 18.42 -4.96
N GLU A 134 7.19 17.97 -4.69
CA GLU A 134 6.15 17.84 -5.69
C GLU A 134 5.05 18.85 -5.41
N LEU A 135 4.66 19.61 -6.43
CA LEU A 135 3.67 20.67 -6.29
C LEU A 135 2.40 20.30 -7.05
N TYR A 136 1.25 20.53 -6.42
CA TYR A 136 -0.04 20.22 -7.01
C TYR A 136 -0.96 21.43 -6.87
N VAL A 137 -1.65 21.77 -7.96
CA VAL A 137 -2.54 22.92 -8.00
C VAL A 137 -3.93 22.44 -8.39
N ASN A 138 -4.93 22.81 -7.61
CA ASN A 138 -6.32 22.45 -7.89
C ASN A 138 -7.21 23.66 -7.69
N ILE A 139 -8.39 23.60 -8.32
CA ILE A 139 -9.40 24.64 -8.20
C ILE A 139 -10.63 23.99 -7.55
N ILE A 140 -10.99 24.47 -6.36
CA ILE A 140 -12.07 23.88 -5.57
C ILE A 140 -13.10 24.99 -5.33
N GLU A 141 -14.11 25.04 -6.20
CA GLU A 141 -15.23 25.98 -6.08
C GLU A 141 -14.73 27.43 -6.00
N ASN A 142 -14.13 27.89 -7.11
CA ASN A 142 -13.65 29.25 -7.29
C ASN A 142 -12.46 29.58 -6.38
N ARG A 143 -11.87 28.59 -5.73
CA ARG A 143 -10.72 28.79 -4.87
C ARG A 143 -9.53 28.04 -5.44
N ILE A 144 -8.35 28.64 -5.33
CA ILE A 144 -7.11 28.04 -5.84
C ILE A 144 -6.34 27.46 -4.67
N SER A 145 -6.18 26.15 -4.66
CA SER A 145 -5.45 25.44 -3.60
C SER A 145 -4.16 24.86 -4.15
N ILE A 146 -3.09 24.97 -3.37
CA ILE A 146 -1.79 24.45 -3.75
C ILE A 146 -1.33 23.48 -2.68
N GLY A 147 -1.12 22.22 -3.07
CA GLY A 147 -0.62 21.19 -2.17
C GLY A 147 0.77 20.75 -2.59
N PHE A 148 1.57 20.30 -1.62
CA PHE A 148 2.97 20.00 -1.87
C PHE A 148 3.41 18.83 -1.00
N HIS A 149 4.59 18.29 -1.32
CA HIS A 149 5.05 17.05 -0.72
C HIS A 149 6.56 16.95 -0.90
N LEU A 150 7.30 16.80 0.19
CA LEU A 150 8.75 16.66 0.16
C LEU A 150 9.15 15.21 0.07
N THR A 151 10.28 14.96 -0.60
CA THR A 151 10.78 13.61 -0.86
C THR A 151 12.29 13.69 -1.05
N HIS A 152 12.88 12.61 -1.56
CA HIS A 152 14.33 12.49 -1.72
C HIS A 152 14.63 11.86 -3.08
N GLN A 153 15.92 11.88 -3.44
CA GLN A 153 16.38 11.27 -4.69
C GLN A 153 17.80 10.75 -4.49
N PHE A 154 18.16 9.73 -5.26
CA PHE A 154 19.44 9.04 -5.13
C PHE A 154 20.24 9.14 -6.43
N GLU A 155 21.56 9.21 -6.30
CA GLU A 155 22.44 9.23 -7.47
C GLU A 155 23.87 8.94 -7.04
N TYR A 156 24.60 8.19 -7.89
CA TYR A 156 26.00 7.87 -7.68
C TYR A 156 26.89 8.97 -8.24
N VAL A 157 27.92 9.36 -7.48
CA VAL A 157 28.94 10.28 -8.01
C VAL A 157 30.06 9.41 -8.58
N TYR A 158 29.80 8.85 -9.76
CA TYR A 158 30.81 8.31 -10.66
C TYR A 158 30.15 7.86 -11.96
N THR A 159 30.76 8.20 -13.09
CA THR A 159 30.24 7.85 -14.40
C THR A 159 30.83 6.52 -14.85
N LEU A 160 30.22 5.92 -15.88
CA LEU A 160 30.76 4.70 -16.46
C LEU A 160 32.19 4.89 -16.98
N GLN A 161 32.58 6.12 -17.29
CA GLN A 161 33.97 6.40 -17.64
C GLN A 161 34.89 6.07 -16.47
N SER A 162 34.44 6.26 -15.25
CA SER A 162 35.25 5.90 -14.08
C SER A 162 35.43 4.40 -13.97
N MET A 163 34.40 3.62 -14.35
CA MET A 163 34.57 2.18 -14.41
C MET A 163 35.47 1.74 -15.55
N ILE A 164 35.41 2.46 -16.69
CA ILE A 164 36.29 2.14 -17.81
C ILE A 164 37.74 2.27 -17.39
N GLU A 165 38.06 3.33 -16.64
CA GLU A 165 39.39 3.51 -16.08
C GLU A 165 39.46 2.83 -14.70
N GLN A 166 40.64 2.93 -14.07
CA GLN A 166 40.84 2.46 -12.70
C GLN A 166 40.45 1.00 -12.52
N GLY A 167 40.63 0.20 -13.57
CA GLY A 167 40.36 -1.23 -13.49
C GLY A 167 38.87 -1.55 -13.51
N LYS A 168 38.59 -2.85 -13.54
CA LYS A 168 37.26 -3.45 -13.51
C LYS A 168 36.43 -3.09 -14.74
N THR A 169 35.47 -3.96 -15.08
CA THR A 169 34.69 -3.82 -16.30
C THR A 169 33.20 -3.71 -15.96
N ILE A 170 32.37 -3.73 -16.99
CA ILE A 170 30.92 -3.58 -16.86
C ILE A 170 30.25 -4.77 -17.50
N ARG A 171 29.27 -5.34 -16.80
CA ARG A 171 28.53 -6.47 -17.33
C ARG A 171 27.64 -6.02 -18.49
N PRO A 172 27.40 -6.90 -19.47
CA PRO A 172 26.52 -6.52 -20.59
C PRO A 172 25.10 -6.19 -20.16
N GLY A 173 24.58 -6.85 -19.13
CA GLY A 173 23.22 -6.63 -18.69
C GLY A 173 23.09 -5.63 -17.57
N MET A 174 24.13 -4.81 -17.37
CA MET A 174 24.12 -3.84 -16.29
C MET A 174 23.08 -2.76 -16.52
N ARG A 175 22.52 -2.25 -15.43
CA ARG A 175 21.49 -1.22 -15.48
C ARG A 175 22.14 0.16 -15.43
N VAL A 176 21.90 0.98 -16.45
CA VAL A 176 22.46 2.32 -16.57
C VAL A 176 21.34 3.29 -16.88
N VAL A 177 21.45 4.50 -16.34
CA VAL A 177 20.48 5.56 -16.56
C VAL A 177 21.18 6.77 -17.15
N HIS A 178 20.58 7.35 -18.18
CA HIS A 178 21.07 8.57 -18.82
C HIS A 178 20.08 9.69 -18.52
N SER A 179 20.57 10.78 -17.92
CA SER A 179 19.73 11.88 -17.49
C SER A 179 20.02 13.10 -18.34
N ASN A 180 19.03 13.55 -19.09
CA ASN A 180 19.15 14.78 -19.88
C ASN A 180 18.81 16.02 -19.08
N GLY A 181 18.31 15.88 -17.86
CA GLY A 181 17.94 17.01 -17.05
C GLY A 181 16.47 17.04 -16.69
N ARG A 182 15.61 16.67 -17.63
CA ARG A 182 14.17 16.64 -17.43
C ARG A 182 13.61 15.23 -17.37
N GLN A 183 14.04 14.35 -18.28
CA GLN A 183 13.60 12.97 -18.30
C GLN A 183 14.81 12.06 -18.43
N HIS A 184 14.79 10.93 -17.73
CA HIS A 184 15.90 9.99 -17.73
C HIS A 184 15.42 8.63 -18.21
N TYR A 185 16.22 8.00 -19.07
CA TYR A 185 15.94 6.68 -19.58
C TYR A 185 16.77 5.65 -18.83
N THR A 186 16.21 4.45 -18.69
CA THR A 186 16.88 3.33 -18.03
C THR A 186 17.05 2.19 -19.02
N TYR A 187 18.27 1.65 -19.10
CA TYR A 187 18.56 0.55 -20.01
C TYR A 187 19.01 -0.69 -19.27
N SER A 227 39.01 6.60 -22.40
CA SER A 227 39.15 5.90 -23.68
C SER A 227 37.91 6.07 -24.54
N THR A 228 36.78 6.35 -23.89
CA THR A 228 35.51 6.60 -24.55
C THR A 228 35.10 5.42 -25.44
N ARG A 229 34.89 4.28 -24.80
CA ARG A 229 34.49 3.07 -25.51
C ARG A 229 33.04 3.17 -25.97
N VAL A 230 32.70 2.41 -27.00
CA VAL A 230 31.35 2.36 -27.52
C VAL A 230 30.49 1.53 -26.58
N ILE A 231 29.22 1.92 -26.44
CA ILE A 231 28.27 1.23 -25.59
C ILE A 231 27.05 0.84 -26.43
N HIS A 232 26.35 -0.20 -25.99
CA HIS A 232 25.23 -0.78 -26.72
C HIS A 232 24.02 -0.95 -25.80
N VAL A 233 23.68 0.10 -25.07
CA VAL A 233 22.54 0.05 -24.17
C VAL A 233 21.25 -0.15 -24.96
N ARG A 234 20.25 -0.76 -24.33
CA ARG A 234 18.98 -1.08 -24.96
C ARG A 234 17.86 -0.90 -23.95
N THR A 235 16.98 0.08 -24.19
CA THR A 235 15.76 0.20 -23.39
C THR A 235 14.73 -0.84 -23.81
N LYS A 236 14.75 -1.26 -25.07
CA LYS A 236 13.84 -2.25 -25.60
C LYS A 236 14.57 -2.98 -26.73
N GLU A 237 13.82 -3.65 -27.60
CA GLU A 237 14.43 -4.28 -28.77
C GLU A 237 15.19 -3.28 -29.63
N GLN A 238 14.83 -2.00 -29.58
CA GLN A 238 15.57 -0.97 -30.29
C GLN A 238 16.98 -0.84 -29.71
N ARG A 239 17.96 -0.67 -30.60
CA ARG A 239 19.36 -0.54 -30.21
C ARG A 239 19.73 0.93 -30.08
N LEU A 240 20.67 1.20 -29.18
CA LEU A 240 21.12 2.57 -28.94
C LEU A 240 22.58 2.55 -28.54
N SER A 241 23.28 3.64 -28.82
CA SER A 241 24.69 3.78 -28.47
C SER A 241 24.94 5.18 -27.91
N TYR A 242 25.96 5.29 -27.07
CA TYR A 242 26.30 6.54 -26.41
C TYR A 242 27.81 6.64 -26.33
N ALA A 243 28.30 7.71 -25.68
CA ALA A 243 29.73 7.97 -25.55
C ALA A 243 30.32 7.44 -24.26
N ALA A 244 29.54 6.72 -23.45
CA ALA A 244 29.98 6.12 -22.19
C ALA A 244 30.48 7.15 -21.18
N THR A 245 30.25 8.44 -21.42
CA THR A 245 30.62 9.49 -20.49
C THR A 245 29.41 10.21 -19.91
N LEU A 246 28.21 9.90 -20.40
CA LEU A 246 26.98 10.47 -19.86
C LEU A 246 26.15 9.46 -19.09
N LEU A 247 26.30 8.16 -19.37
CA LEU A 247 25.54 7.14 -18.67
C LEU A 247 26.12 6.89 -17.29
N LYS A 248 25.25 6.75 -16.31
CA LYS A 248 25.63 6.47 -14.93
C LYS A 248 24.84 5.28 -14.42
N PRO A 249 25.40 4.51 -13.48
CA PRO A 249 24.67 3.35 -12.96
C PRO A 249 23.42 3.76 -12.19
N LEU A 250 22.42 2.89 -12.24
CA LEU A 250 21.16 3.16 -11.54
C LEU A 250 21.32 2.90 -10.05
N CYS A 251 20.86 3.86 -9.24
CA CYS A 251 20.98 3.80 -7.79
C CYS A 251 19.64 3.34 -7.21
N THR A 252 19.56 2.05 -6.88
CA THR A 252 18.37 1.45 -6.30
C THR A 252 18.77 0.59 -5.12
N PHE A 253 17.81 0.35 -4.22
CA PHE A 253 18.07 -0.47 -3.05
C PHE A 253 18.49 -1.90 -3.42
N GLU A 254 18.14 -2.37 -4.61
CA GLU A 254 18.56 -3.70 -5.03
C GLU A 254 20.02 -3.73 -5.46
N THR A 255 20.50 -2.66 -6.09
CA THR A 255 21.87 -2.64 -6.60
C THR A 255 22.86 -2.01 -5.63
N MET A 256 22.41 -1.39 -4.54
CA MET A 256 23.33 -0.83 -3.56
C MET A 256 24.09 -1.94 -2.85
N GLN A 257 25.36 -1.69 -2.57
CA GLN A 257 26.15 -2.60 -1.78
C GLN A 257 25.70 -2.56 -0.33
N PRO A 258 26.02 -3.58 0.46
CA PRO A 258 25.77 -3.51 1.91
C PRO A 258 26.53 -2.36 2.56
N GLN A 259 26.29 -2.16 3.85
CA GLN A 259 26.89 -1.09 4.67
C GLN A 259 26.73 0.28 4.02
N ASP A 260 25.86 0.37 3.03
CA ASP A 260 25.40 1.62 2.44
C ASP A 260 23.90 1.79 2.53
N VAL A 261 23.14 0.69 2.43
CA VAL A 261 21.71 0.76 2.65
C VAL A 261 21.41 1.11 4.10
N LEU A 262 22.25 0.64 5.02
CA LEU A 262 22.04 0.93 6.44
C LEU A 262 22.16 2.42 6.73
N ASN A 263 22.95 3.14 5.94
CA ASN A 263 23.15 4.57 6.15
C ASN A 263 22.25 5.44 5.28
N VAL A 264 21.97 5.02 4.04
CA VAL A 264 21.08 5.81 3.19
C VAL A 264 19.64 5.71 3.68
N SER A 265 19.28 4.63 4.37
CA SER A 265 17.94 4.49 4.92
C SER A 265 17.70 5.38 6.13
N LYS A 266 18.74 5.67 6.91
CA LYS A 266 18.59 6.54 8.07
C LYS A 266 18.35 7.99 7.67
N CYS A 267 18.80 8.40 6.48
CA CYS A 267 18.66 9.79 6.05
C CYS A 267 17.33 10.08 5.39
N ILE A 268 16.59 9.05 4.95
CA ILE A 268 15.28 9.25 4.34
C ILE A 268 14.14 8.98 5.31
N LYS A 269 14.42 8.37 6.47
CA LYS A 269 13.39 8.10 7.47
C LYS A 269 13.55 9.15 8.58
N LEU A 270 12.95 10.31 8.35
CA LEU A 270 13.07 11.45 9.23
C LEU A 270 11.93 11.49 10.24
N SER A 271 12.12 12.29 11.28
CA SER A 271 11.06 12.54 12.23
C SER A 271 9.98 13.42 11.61
N ALA A 272 8.84 13.51 12.29
CA ALA A 272 7.79 14.40 11.83
C ALA A 272 8.25 15.86 11.84
N SER A 273 8.93 16.27 12.92
CA SER A 273 9.34 17.66 13.06
C SER A 273 10.26 18.08 11.92
N LYS A 274 11.29 17.26 11.64
CA LYS A 274 12.23 17.61 10.58
C LYS A 274 11.55 17.68 9.22
N ARG A 275 10.68 16.72 8.93
CA ARG A 275 10.02 16.68 7.63
C ARG A 275 9.12 17.89 7.42
N MET A 276 8.27 18.20 8.41
CA MET A 276 7.38 19.35 8.25
C MET A 276 8.15 20.66 8.23
N LYS A 277 9.16 20.81 9.07
CA LYS A 277 9.92 22.06 9.07
C LYS A 277 10.67 22.25 7.76
N CYS A 278 11.27 21.18 7.23
CA CYS A 278 11.97 21.29 5.95
C CYS A 278 11.02 21.61 4.82
N THR A 279 9.81 21.05 4.85
CA THR A 279 8.82 21.40 3.84
C THR A 279 8.44 22.87 3.92
N TYR A 280 8.05 23.32 5.11
CA TYR A 280 7.53 24.68 5.29
C TYR A 280 8.57 25.76 5.08
N ARG A 281 9.84 25.51 5.45
CA ARG A 281 10.87 26.52 5.24
C ARG A 281 11.07 26.80 3.76
N TRP A 282 11.19 25.74 2.95
CA TRP A 282 11.36 25.95 1.51
C TRP A 282 10.11 26.53 0.89
N ILE A 283 8.92 26.15 1.37
CA ILE A 283 7.70 26.73 0.81
C ILE A 283 7.63 28.23 1.10
N GLN A 284 8.02 28.64 2.30
CA GLN A 284 8.05 30.07 2.61
C GLN A 284 9.08 30.79 1.77
N GLN A 285 10.24 30.17 1.54
CA GLN A 285 11.25 30.79 0.68
C GLN A 285 10.73 30.98 -0.74
N LEU A 286 10.03 29.98 -1.27
CA LEU A 286 9.43 30.12 -2.59
C LEU A 286 8.37 31.20 -2.62
N ARG A 287 7.52 31.25 -1.58
CA ARG A 287 6.46 32.24 -1.52
C ARG A 287 6.99 33.65 -1.42
N ALA A 288 8.18 33.83 -0.84
CA ALA A 288 8.78 35.16 -0.74
C ALA A 288 9.05 35.78 -2.10
N GLN A 289 9.13 34.97 -3.16
CA GLN A 289 9.44 35.48 -4.50
C GLN A 289 8.23 35.54 -5.42
N TYR A 290 7.21 34.74 -5.18
CA TYR A 290 6.04 34.69 -6.06
C TYR A 290 5.25 35.99 -5.97
N ARG A 291 4.61 36.34 -7.08
CA ARG A 291 3.84 37.59 -7.17
C ARG A 291 2.42 37.43 -7.69
N HIS A 292 2.09 36.32 -8.36
CA HIS A 292 0.76 36.20 -8.97
C HIS A 292 -0.34 35.92 -7.95
N LEU A 293 -0.01 35.25 -6.85
CA LEU A 293 -1.00 34.91 -5.83
C LEU A 293 -0.51 35.39 -4.48
N THR A 294 -1.46 35.59 -3.56
CA THR A 294 -1.19 36.09 -2.22
C THR A 294 -1.81 35.17 -1.20
N PHE A 295 -1.09 34.92 -0.11
CA PHE A 295 -1.52 34.01 0.94
C PHE A 295 -1.39 34.69 2.29
N ALA A 296 -2.04 34.11 3.29
CA ALA A 296 -1.98 34.61 4.66
C ALA A 296 -0.58 34.41 5.23
N PRO A 297 -0.23 35.16 6.28
CA PRO A 297 1.10 34.97 6.90
C PRO A 297 1.32 33.55 7.41
N ASN A 298 0.28 32.88 7.90
CA ASN A 298 0.36 31.49 8.33
C ASN A 298 -0.75 30.71 7.62
N PRO A 299 -0.52 30.32 6.37
CA PRO A 299 -1.57 29.64 5.59
C PRO A 299 -1.59 28.13 5.73
N PHE A 300 -0.80 27.55 6.63
CA PHE A 300 -0.64 26.11 6.74
C PHE A 300 -1.59 25.47 7.75
N THR A 301 -2.34 26.26 8.49
CA THR A 301 -3.32 25.71 9.42
C THR A 301 -4.56 25.27 8.66
N ILE A 302 -5.29 24.30 9.24
CA ILE A 302 -6.50 23.80 8.59
C ILE A 302 -7.62 24.83 8.63
N ALA A 303 -7.58 25.77 9.57
CA ALA A 303 -8.59 26.82 9.61
C ALA A 303 -8.52 27.71 8.37
N GLN A 304 -7.30 28.03 7.93
CA GLN A 304 -7.11 28.82 6.72
C GLN A 304 -7.40 28.03 5.46
N ASN A 305 -7.60 26.72 5.56
CA ASN A 305 -7.84 25.87 4.39
C ASN A 305 -9.28 25.40 4.29
N GLY A 306 -10.08 25.54 5.34
CA GLY A 306 -11.48 25.16 5.29
C GLY A 306 -11.81 23.79 5.84
N TYR A 307 -10.88 23.13 6.51
CA TYR A 307 -11.12 21.79 7.03
C TYR A 307 -11.69 21.86 8.44
N LYS A 308 -12.36 20.78 8.84
CA LYS A 308 -12.93 20.63 10.17
C LYS A 308 -12.20 19.51 10.90
N LEU A 309 -12.05 19.67 12.21
CA LEU A 309 -11.30 18.74 13.04
C LEU A 309 -12.23 17.81 13.80
N ASP A 310 -11.96 16.51 13.74
CA ASP A 310 -12.71 15.50 14.46
C ASP A 310 -11.75 14.46 15.00
N GLN A 311 -11.92 14.10 16.28
CA GLN A 311 -11.06 13.13 16.95
C GLN A 311 -11.86 11.87 17.23
N LEU A 312 -11.38 10.74 16.71
CA LEU A 312 -12.01 9.45 16.89
C LEU A 312 -11.31 8.65 17.99
N SER A 313 -12.04 7.72 18.59
CA SER A 313 -11.55 6.92 19.69
C SER A 313 -11.48 5.45 19.29
N THR A 314 -10.55 4.73 19.91
CA THR A 314 -10.36 3.32 19.59
C THR A 314 -11.60 2.53 20.02
N PRO A 315 -12.03 1.57 19.22
CA PRO A 315 -13.21 0.77 19.58
C PRO A 315 -12.85 -0.25 20.64
N LYS A 316 -13.83 -1.08 20.99
CA LYS A 316 -13.62 -2.23 21.83
C LYS A 316 -13.86 -3.50 21.02
N VAL A 317 -13.11 -4.54 21.36
CA VAL A 317 -13.20 -5.82 20.67
C VAL A 317 -13.78 -6.86 21.62
N HIS A 318 -14.41 -7.88 21.05
CA HIS A 318 -15.13 -8.88 21.81
C HIS A 318 -14.52 -10.25 21.55
N PHE A 319 -13.79 -10.79 22.53
CA PHE A 319 -13.29 -12.17 22.47
C PHE A 319 -14.32 -13.09 23.12
N HIS A 320 -14.49 -12.93 24.43
CA HIS A 320 -15.61 -13.50 25.16
C HIS A 320 -16.26 -12.46 26.08
N ARG A 321 -15.52 -11.43 26.48
CA ARG A 321 -16.06 -10.22 27.06
C ARG A 321 -15.51 -9.04 26.27
N ASP A 322 -15.71 -7.81 26.76
CA ASP A 322 -15.19 -6.63 26.08
C ASP A 322 -13.75 -6.35 26.52
N TYR A 323 -12.90 -6.05 25.55
CA TYR A 323 -11.49 -5.81 25.81
C TYR A 323 -11.09 -4.46 25.22
N ALA A 324 -10.24 -3.73 25.94
CA ALA A 324 -9.79 -2.43 25.48
C ALA A 324 -8.96 -2.55 24.21
N THR A 325 -8.05 -3.51 24.16
CA THR A 325 -7.15 -3.68 23.04
C THR A 325 -7.17 -5.12 22.54
N VAL A 326 -6.67 -5.32 21.33
CA VAL A 326 -6.61 -6.65 20.74
C VAL A 326 -5.58 -7.51 21.45
N VAL A 327 -4.40 -6.94 21.75
CA VAL A 327 -3.30 -7.74 22.26
C VAL A 327 -3.60 -8.25 23.66
N SER A 328 -4.28 -7.45 24.49
CA SER A 328 -4.65 -7.90 25.82
C SER A 328 -5.61 -9.08 25.75
N GLY A 329 -6.61 -8.99 24.88
CA GLY A 329 -7.54 -10.10 24.71
C GLY A 329 -6.85 -11.35 24.19
N MET A 330 -5.90 -11.18 23.28
CA MET A 330 -5.14 -12.33 22.78
C MET A 330 -4.32 -12.96 23.89
N LYS A 331 -3.69 -12.14 24.74
CA LYS A 331 -2.84 -12.66 25.79
C LYS A 331 -3.64 -13.38 26.86
N THR A 332 -4.79 -12.86 27.26
CA THR A 332 -5.52 -13.40 28.40
C THR A 332 -7.01 -13.56 28.11
N GLY A 333 -7.36 -14.09 26.94
CA GLY A 333 -8.76 -14.29 26.61
C GLY A 333 -8.97 -15.46 25.68
N LYS A 334 -10.21 -15.93 25.64
CA LYS A 334 -10.62 -17.01 24.76
C LYS A 334 -11.18 -16.45 23.46
N LEU A 335 -11.00 -17.20 22.39
CA LEU A 335 -11.39 -16.73 21.08
C LEU A 335 -12.91 -16.64 20.95
N TYR A 336 -13.35 -15.88 19.95
CA TYR A 336 -14.78 -15.67 19.76
C TYR A 336 -15.49 -16.90 19.22
N LYS A 337 -14.84 -17.69 18.37
CA LYS A 337 -15.48 -18.87 17.78
C LYS A 337 -14.41 -19.93 17.59
N GLY A 338 -14.28 -20.81 18.59
CA GLY A 338 -13.31 -21.88 18.55
C GLY A 338 -13.77 -23.06 17.71
N GLY A 339 -12.98 -24.12 17.76
CA GLY A 339 -13.29 -25.31 16.99
C GLY A 339 -12.13 -26.29 17.02
N ASN A 340 -12.13 -27.20 16.05
CA ASN A 340 -11.12 -28.24 15.95
C ASN A 340 -10.37 -28.11 14.64
N ILE A 341 -9.05 -28.31 14.69
CA ILE A 341 -8.18 -28.22 13.53
C ILE A 341 -7.37 -29.49 13.42
N LYS A 342 -7.32 -30.06 12.22
CA LYS A 342 -6.42 -31.16 11.92
C LYS A 342 -5.22 -30.60 11.17
N ILE A 343 -4.03 -30.82 11.70
CA ILE A 343 -2.80 -30.26 11.15
C ILE A 343 -1.90 -31.39 10.67
N SER A 344 -1.28 -31.20 9.51
CA SER A 344 -0.30 -32.11 8.97
C SER A 344 1.03 -31.38 8.81
N VAL A 345 2.12 -32.12 8.98
CA VAL A 345 3.46 -31.55 8.99
C VAL A 345 4.19 -31.96 7.71
N LEU A 346 4.71 -30.97 7.00
CA LEU A 346 5.58 -31.19 5.84
C LEU A 346 6.98 -30.76 6.24
N PHE A 347 7.88 -31.73 6.38
CA PHE A 347 9.23 -31.48 6.85
C PHE A 347 10.23 -31.88 5.77
N ASP A 348 11.21 -31.02 5.52
CA ASP A 348 12.28 -31.33 4.58
C ASP A 348 13.56 -31.67 5.31
N GLU A 349 14.38 -32.51 4.68
CA GLU A 349 15.62 -32.96 5.30
C GLU A 349 16.69 -31.88 5.34
N ASP A 350 16.48 -30.76 4.64
CA ASP A 350 17.48 -29.69 4.62
C ASP A 350 17.64 -29.03 5.98
N PHE A 351 16.65 -29.13 6.87
CA PHE A 351 16.85 -28.65 8.23
C PHE A 351 17.90 -29.45 8.98
N TYR A 352 18.16 -30.69 8.55
CA TYR A 352 19.13 -31.55 9.20
C TYR A 352 20.44 -31.66 8.44
N LEU A 353 20.38 -31.76 7.11
CA LEU A 353 21.62 -31.82 6.32
C LEU A 353 22.31 -30.47 6.28
N LYS A 354 21.56 -29.40 6.04
CA LYS A 354 22.16 -28.07 5.93
C LYS A 354 22.21 -27.32 7.26
N HIS A 355 21.39 -27.71 8.23
CA HIS A 355 21.35 -27.06 9.53
C HIS A 355 21.29 -28.12 10.61
N HIS A 356 21.40 -27.69 11.87
CA HIS A 356 21.33 -28.60 13.01
C HIS A 356 19.92 -28.58 13.61
N ILE A 357 18.95 -29.00 12.82
CA ILE A 357 17.54 -29.02 13.22
C ILE A 357 16.99 -30.41 12.96
N THR A 358 16.42 -31.02 14.00
CA THR A 358 15.90 -32.37 13.94
C THR A 358 14.37 -32.34 13.88
N LYS A 359 13.79 -33.44 13.38
CA LYS A 359 12.33 -33.54 13.33
C LYS A 359 11.72 -33.47 14.72
N LYS A 360 12.41 -33.99 15.73
CA LYS A 360 11.89 -33.92 17.10
C LYS A 360 11.81 -32.47 17.58
N ASP A 361 12.73 -31.62 17.14
CA ASP A 361 12.63 -30.20 17.47
C ASP A 361 11.37 -29.60 16.84
N ILE A 362 11.06 -29.98 15.60
CA ILE A 362 9.86 -29.49 14.94
C ILE A 362 8.62 -29.93 15.70
N TYR A 363 8.58 -31.19 16.13
CA TYR A 363 7.40 -31.67 16.84
C TYR A 363 7.29 -31.07 18.24
N GLN A 364 8.41 -30.75 18.88
CA GLN A 364 8.32 -30.06 20.17
C GLN A 364 7.85 -28.62 19.99
N PHE A 365 8.25 -27.97 18.89
CA PHE A 365 7.72 -26.65 18.57
C PHE A 365 6.21 -26.71 18.33
N ILE A 366 5.76 -27.74 17.62
CA ILE A 366 4.33 -27.92 17.39
C ILE A 366 3.60 -28.19 18.69
N ALA A 367 4.23 -28.94 19.61
CA ALA A 367 3.62 -29.18 20.92
C ALA A 367 3.49 -27.90 21.71
N VAL A 368 4.50 -27.02 21.64
CA VAL A 368 4.39 -25.73 22.31
C VAL A 368 3.26 -24.90 21.71
N LEU A 369 3.16 -24.90 20.37
CA LEU A 369 2.06 -24.19 19.73
C LEU A 369 0.70 -24.73 20.18
N GLN A 370 0.60 -26.05 20.32
CA GLN A 370 -0.65 -26.65 20.78
C GLN A 370 -0.96 -26.24 22.21
N LYS A 371 0.05 -26.25 23.09
CA LYS A 371 -0.19 -25.86 24.47
C LYS A 371 -0.60 -24.39 24.58
N ILE A 372 -0.08 -23.53 23.70
CA ILE A 372 -0.57 -22.14 23.69
C ILE A 372 -2.03 -22.09 23.28
N ALA A 373 -2.42 -22.93 22.33
CA ALA A 373 -3.84 -23.09 22.00
C ALA A 373 -4.50 -23.92 23.10
N ILE A 374 -5.78 -24.29 22.88
CA ILE A 374 -6.60 -24.95 23.91
C ILE A 374 -6.82 -24.04 25.10
N ALA A 375 -5.74 -23.39 25.58
CA ALA A 375 -5.90 -22.33 26.55
C ALA A 375 -6.76 -21.19 25.99
N GLN A 376 -6.75 -21.01 24.67
CA GLN A 376 -7.63 -20.08 23.99
C GLN A 376 -8.92 -20.73 23.51
N GLY A 377 -9.08 -22.04 23.69
CA GLY A 377 -10.28 -22.73 23.29
C GLY A 377 -10.25 -23.41 21.95
N VAL A 378 -9.08 -23.52 21.32
CA VAL A 378 -8.92 -24.15 20.01
C VAL A 378 -8.12 -25.43 20.18
N ASN A 379 -8.67 -26.54 19.68
CA ASN A 379 -8.05 -27.86 19.81
C ASN A 379 -7.47 -28.29 18.47
N MET A 380 -6.16 -28.51 18.45
CA MET A 380 -5.46 -28.99 17.25
C MET A 380 -4.93 -30.39 17.49
N THR A 381 -5.12 -31.26 16.50
CA THR A 381 -4.60 -32.62 16.54
C THR A 381 -3.76 -32.87 15.30
N ILE A 382 -2.60 -33.51 15.49
CA ILE A 382 -1.70 -33.81 14.38
C ILE A 382 -2.21 -35.05 13.66
N SER A 383 -2.40 -34.93 12.34
CA SER A 383 -2.85 -36.06 11.56
C SER A 383 -1.77 -37.13 11.49
N THR A 384 -2.19 -38.39 11.65
CA THR A 384 -1.27 -39.52 11.63
C THR A 384 -1.00 -40.04 10.21
N SER A 385 -1.76 -39.55 9.22
CA SER A 385 -1.60 -40.04 7.85
C SER A 385 -0.23 -39.74 7.28
N THR A 386 0.47 -38.73 7.80
CA THR A 386 1.81 -38.40 7.33
C THR A 386 2.86 -39.25 8.05
N LYS A 387 2.72 -40.57 7.87
CA LYS A 387 3.63 -41.53 8.48
C LYS A 387 4.24 -42.51 7.49
N SER A 388 3.68 -42.66 6.29
CA SER A 388 4.22 -43.55 5.27
C SER A 388 5.08 -42.83 4.25
N ILE A 389 5.39 -41.55 4.49
CA ILE A 389 6.18 -40.75 3.56
C ILE A 389 7.44 -40.25 4.24
N THR A 390 7.96 -41.02 5.19
CA THR A 390 9.14 -40.60 5.95
C THR A 390 10.33 -40.42 5.02
N GLY A 391 10.98 -39.27 5.12
CA GLY A 391 12.15 -38.99 4.31
C GLY A 391 11.87 -38.71 2.85
N LYS A 392 10.61 -38.43 2.50
CA LYS A 392 10.27 -38.22 1.10
C LYS A 392 10.72 -36.86 0.59
N PHE A 393 10.84 -35.87 1.47
CA PHE A 393 11.12 -34.50 1.06
C PHE A 393 12.62 -34.24 1.16
N THR A 394 13.31 -34.48 0.05
CA THR A 394 14.74 -34.24 -0.08
C THR A 394 14.98 -33.22 -1.18
N ASP A 395 16.26 -32.98 -1.50
CA ASP A 395 16.60 -32.01 -2.53
C ASP A 395 16.07 -32.43 -3.90
N ASP A 396 16.13 -33.72 -4.21
CA ASP A 396 15.57 -34.21 -5.46
C ASP A 396 14.07 -33.99 -5.52
N PHE A 397 13.38 -34.11 -4.39
CA PHE A 397 11.96 -33.81 -4.37
C PHE A 397 11.69 -32.36 -4.76
N PHE A 398 12.46 -31.43 -4.20
CA PHE A 398 12.24 -30.03 -4.53
C PHE A 398 12.71 -29.68 -5.93
N HIS A 399 13.60 -30.48 -6.50
CA HIS A 399 14.04 -30.25 -7.88
C HIS A 399 13.08 -30.86 -8.90
N HIS A 400 12.30 -31.87 -8.51
CA HIS A 400 11.34 -32.49 -9.42
C HIS A 400 9.90 -32.38 -8.89
N PHE A 401 9.65 -31.37 -8.06
CA PHE A 401 8.33 -31.05 -7.51
C PHE A 401 7.18 -31.22 -8.50
N THR A 402 7.34 -30.74 -9.73
CA THR A 402 6.24 -30.78 -10.70
C THR A 402 5.82 -32.22 -10.98
N GLU A 403 6.77 -33.14 -11.11
CA GLU A 403 6.46 -34.52 -11.43
C GLU A 403 6.17 -35.36 -10.19
N GLU A 404 6.81 -35.06 -9.06
CA GLU A 404 6.65 -35.87 -7.86
C GLU A 404 5.37 -35.55 -7.09
N VAL A 405 4.71 -34.44 -7.40
CA VAL A 405 3.48 -34.03 -6.74
C VAL A 405 2.35 -34.86 -7.36
N GLU A 406 1.15 -34.77 -6.78
CA GLU A 406 -0.08 -35.49 -7.09
C GLU A 406 -0.10 -36.89 -6.46
N ALA A 407 0.96 -37.30 -5.78
CA ALA A 407 0.94 -38.45 -4.91
C ALA A 407 0.75 -38.07 -3.45
N LEU A 408 0.60 -36.78 -3.16
CA LEU A 408 0.48 -36.27 -1.80
C LEU A 408 -0.91 -35.74 -1.48
N GLN A 409 -1.85 -35.82 -2.43
CA GLN A 409 -3.20 -35.32 -2.16
C GLN A 409 -3.93 -36.10 -1.08
N PRO A 410 -4.00 -37.44 -1.11
CA PRO A 410 -4.83 -38.15 -0.12
C PRO A 410 -4.26 -38.16 1.29
N ILE A 411 -3.02 -37.72 1.49
CA ILE A 411 -2.42 -37.73 2.82
C ILE A 411 -2.58 -36.36 3.46
N PHE A 412 -2.62 -35.31 2.65
CA PHE A 412 -2.82 -33.95 3.13
C PHE A 412 -4.26 -33.46 2.98
N ALA A 413 -5.16 -34.33 2.53
CA ALA A 413 -6.54 -33.93 2.32
C ALA A 413 -7.25 -33.64 3.65
N GLN A 414 -8.15 -32.66 3.62
CA GLN A 414 -8.99 -32.31 4.77
C GLN A 414 -8.17 -31.86 5.98
N THR A 415 -6.99 -31.30 5.74
CA THR A 415 -6.13 -30.82 6.82
C THR A 415 -5.55 -29.48 6.44
N THR A 416 -4.85 -28.86 7.40
CA THR A 416 -4.08 -27.64 7.19
C THR A 416 -2.60 -28.02 7.27
N VAL A 417 -1.86 -27.72 6.22
CA VAL A 417 -0.47 -28.16 6.10
C VAL A 417 0.45 -27.14 6.74
N LEU A 418 1.35 -27.60 7.60
CA LEU A 418 2.40 -26.77 8.17
C LEU A 418 3.69 -27.06 7.42
N ALA A 419 4.09 -26.14 6.54
CA ALA A 419 5.24 -26.35 5.68
C ALA A 419 6.51 -25.83 6.36
N PHE A 420 7.56 -26.65 6.33
CA PHE A 420 8.82 -26.30 6.98
C PHE A 420 9.96 -26.28 5.97
N ILE A 421 9.75 -25.61 4.84
CA ILE A 421 10.75 -25.57 3.77
C ILE A 421 11.80 -24.51 4.08
N THR A 422 13.01 -24.74 3.59
CA THR A 422 14.12 -23.82 3.78
C THR A 422 13.97 -22.59 2.89
N SER A 423 14.61 -21.49 3.31
CA SER A 423 14.48 -20.23 2.59
C SER A 423 15.08 -20.31 1.20
N THR A 424 16.23 -20.98 1.06
CA THR A 424 16.88 -21.07 -0.24
C THR A 424 16.01 -21.82 -1.25
N HIS A 425 15.39 -22.93 -0.81
CA HIS A 425 14.51 -23.67 -1.71
C HIS A 425 13.27 -22.87 -2.08
N LEU A 426 12.76 -22.06 -1.15
CA LEU A 426 11.61 -21.20 -1.47
C LEU A 426 11.99 -20.11 -2.45
N SER A 427 13.20 -19.58 -2.36
CA SER A 427 13.59 -18.42 -3.14
C SER A 427 14.39 -18.75 -4.39
N ASN A 428 15.02 -19.91 -4.47
CA ASN A 428 15.85 -20.25 -5.63
C ASN A 428 15.00 -20.35 -6.88
N LYS A 429 15.52 -19.81 -7.99
CA LYS A 429 14.78 -19.78 -9.24
C LYS A 429 14.70 -21.12 -9.93
N LYS A 430 15.58 -22.06 -9.59
CA LYS A 430 15.47 -23.41 -10.13
C LYS A 430 14.38 -24.20 -9.42
N THR A 431 14.21 -24.00 -8.12
CA THR A 431 13.22 -24.74 -7.33
C THR A 431 11.90 -24.00 -7.24
N ARG A 432 11.92 -22.78 -6.68
CA ARG A 432 10.73 -21.96 -6.48
C ARG A 432 9.67 -22.74 -5.67
N SER A 433 10.08 -23.12 -4.45
CA SER A 433 9.23 -23.98 -3.63
C SER A 433 7.94 -23.28 -3.23
N TYR A 434 8.01 -22.01 -2.87
CA TYR A 434 6.83 -21.30 -2.39
C TYR A 434 5.77 -21.18 -3.46
N GLN A 435 6.18 -20.75 -4.67
CA GLN A 435 5.23 -20.54 -5.75
C GLN A 435 4.54 -21.85 -6.12
N LEU A 436 5.31 -22.93 -6.29
CA LEU A 436 4.74 -24.20 -6.68
C LEU A 436 3.84 -24.78 -5.58
N LEU A 437 4.30 -24.70 -4.32
CA LEU A 437 3.49 -25.19 -3.20
C LEU A 437 2.15 -24.47 -3.15
N LYS A 438 2.18 -23.14 -3.13
CA LYS A 438 0.94 -22.38 -3.04
C LYS A 438 0.06 -22.64 -4.25
N GLN A 439 0.64 -22.64 -5.46
CA GLN A 439 -0.15 -22.85 -6.66
C GLN A 439 -0.86 -24.18 -6.62
N TYR A 440 -0.11 -25.28 -6.38
CA TYR A 440 -0.74 -26.59 -6.38
C TYR A 440 -1.78 -26.71 -5.28
N PHE A 441 -1.39 -26.40 -4.04
CA PHE A 441 -2.28 -26.66 -2.90
C PHE A 441 -3.51 -25.76 -2.92
N GLY A 442 -3.42 -24.55 -3.50
CA GLY A 442 -4.56 -23.68 -3.57
C GLY A 442 -5.41 -23.88 -4.81
N GLY A 443 -4.81 -23.74 -5.99
CA GLY A 443 -5.58 -23.83 -7.20
C GLY A 443 -5.86 -25.22 -7.72
N LYS A 444 -5.40 -26.27 -7.03
CA LYS A 444 -5.70 -27.63 -7.46
C LYS A 444 -6.54 -28.39 -6.45
N TRP A 445 -6.13 -28.42 -5.18
CA TRP A 445 -6.81 -29.21 -4.17
C TRP A 445 -7.52 -28.37 -3.13
N ASP A 446 -7.26 -27.06 -3.07
CA ASP A 446 -7.87 -26.16 -2.10
C ASP A 446 -7.57 -26.60 -0.66
N ILE A 447 -6.28 -26.63 -0.34
CA ILE A 447 -5.80 -26.98 0.99
C ILE A 447 -4.99 -25.80 1.53
N ALA A 448 -5.37 -25.32 2.71
CA ALA A 448 -4.63 -24.24 3.33
C ALA A 448 -3.28 -24.72 3.83
N SER A 449 -2.30 -23.82 3.81
CA SER A 449 -0.95 -24.16 4.23
C SER A 449 -0.24 -22.92 4.75
N GLN A 450 0.47 -23.09 5.86
CA GLN A 450 1.27 -22.04 6.47
C GLN A 450 2.74 -22.44 6.41
N VAL A 451 3.58 -21.52 5.94
CA VAL A 451 4.98 -21.79 5.65
C VAL A 451 5.84 -21.19 6.76
N ILE A 452 6.75 -21.98 7.30
CA ILE A 452 7.72 -21.54 8.29
C ILE A 452 9.11 -21.92 7.82
N THR A 453 10.04 -20.96 7.84
CA THR A 453 11.39 -21.18 7.36
C THR A 453 12.34 -21.46 8.53
N GLU A 454 13.63 -21.59 8.21
CA GLU A 454 14.62 -22.00 9.20
C GLU A 454 15.02 -20.89 10.15
N LYS A 455 14.81 -19.62 9.78
CA LYS A 455 15.17 -18.52 10.66
C LYS A 455 14.29 -18.48 11.90
N THR A 456 12.99 -18.79 11.74
CA THR A 456 12.08 -18.83 12.87
C THR A 456 12.49 -19.90 13.88
N ILE A 457 12.77 -21.11 13.39
CA ILE A 457 13.18 -22.19 14.29
C ILE A 457 14.53 -21.89 14.90
N GLU A 458 15.43 -21.26 14.13
CA GLU A 458 16.73 -20.89 14.68
C GLU A 458 16.60 -19.88 15.81
N ALA A 459 15.71 -18.90 15.65
CA ALA A 459 15.47 -17.93 16.72
C ALA A 459 14.85 -18.59 17.94
N PHE A 460 13.89 -19.50 17.73
CA PHE A 460 13.28 -20.21 18.84
C PHE A 460 14.31 -21.02 19.62
N GLN A 461 15.18 -21.74 18.91
CA GLN A 461 16.23 -22.51 19.58
C GLN A 461 17.28 -21.61 20.21
N LYS A 462 17.53 -20.43 19.65
CA LYS A 462 18.45 -19.49 20.29
C LYS A 462 17.87 -18.99 21.61
N ILE A 463 16.56 -18.74 21.64
CA ILE A 463 15.91 -18.38 22.90
C ILE A 463 16.02 -19.51 23.91
N LEU A 464 15.79 -20.75 23.47
CA LEU A 464 15.95 -21.89 24.37
C LEU A 464 17.39 -21.99 24.87
N HIS A 465 18.37 -21.76 24.01
CA HIS A 465 19.77 -21.77 24.43
C HIS A 465 20.04 -20.71 25.48
N LYS A 466 19.50 -19.51 25.28
CA LYS A 466 19.69 -18.43 26.25
C LYS A 466 19.09 -18.79 27.60
N HIS A 467 17.89 -19.38 27.59
CA HIS A 467 17.28 -19.81 28.84
C HIS A 467 17.79 -21.17 29.32
N GLY A 468 18.58 -21.87 28.49
CA GLY A 468 19.15 -23.14 28.90
C GLY A 468 18.14 -24.22 29.21
N LEU A 469 17.13 -24.37 28.35
CA LEU A 469 16.05 -25.33 28.57
C LEU A 469 15.93 -26.21 27.32
N LYS A 470 16.44 -27.44 27.41
CA LYS A 470 16.45 -28.37 26.29
C LYS A 470 15.82 -29.72 26.67
N ASN A 471 14.84 -29.70 27.56
CA ASN A 471 14.16 -30.93 27.93
C ASN A 471 13.19 -31.36 26.82
N PHE A 472 12.66 -32.57 26.96
CA PHE A 472 11.72 -33.10 25.97
C PHE A 472 10.39 -32.37 26.10
N TYR A 473 10.05 -31.58 25.09
CA TYR A 473 8.80 -30.83 25.06
C TYR A 473 7.68 -31.58 24.34
N PRO A 474 7.94 -32.80 23.88
CA PRO A 474 6.92 -33.62 23.22
C PRO A 474 6.46 -34.71 24.17
N ASN A 475 5.15 -34.78 24.40
CA ASN A 475 4.55 -35.76 25.30
C ASN A 475 5.13 -35.69 26.69
N ASP A 476 5.41 -34.48 27.18
CA ASP A 476 5.97 -34.28 28.52
C ASP A 476 5.57 -32.89 28.99
N GLU A 477 4.61 -32.84 29.92
CA GLU A 477 4.17 -31.57 30.48
C GLU A 477 5.19 -31.06 31.49
N GLN A 478 4.82 -29.97 32.17
CA GLN A 478 5.65 -29.32 33.19
C GLN A 478 6.88 -28.69 32.57
N HIS A 479 7.07 -28.89 31.27
CA HIS A 479 8.14 -28.27 30.50
C HIS A 479 7.62 -27.33 29.44
N CYS A 480 6.53 -27.71 28.75
CA CYS A 480 5.87 -26.80 27.83
C CYS A 480 5.34 -25.57 28.56
N LEU A 481 4.85 -25.75 29.78
CA LEU A 481 4.37 -24.62 30.57
C LEU A 481 5.51 -23.66 30.89
N ARG A 482 6.68 -24.18 31.25
CA ARG A 482 7.82 -23.33 31.53
C ARG A 482 8.29 -22.61 30.27
N VAL A 483 8.30 -23.32 29.13
CA VAL A 483 8.69 -22.69 27.86
C VAL A 483 7.72 -21.55 27.52
N ILE A 484 6.43 -21.78 27.71
CA ILE A 484 5.44 -20.74 27.43
C ILE A 484 5.64 -19.56 28.38
N ASP A 485 5.90 -19.85 29.65
CA ASP A 485 6.09 -18.77 30.62
C ASP A 485 7.30 -17.91 30.28
N VAL A 486 8.40 -18.54 29.85
CA VAL A 486 9.57 -17.76 29.47
C VAL A 486 9.42 -17.14 28.09
N LEU A 487 8.45 -17.59 27.29
CA LEU A 487 8.18 -16.96 26.00
C LEU A 487 7.43 -15.65 26.15
N LYS A 488 6.58 -15.53 27.17
CA LYS A 488 5.74 -14.35 27.31
C LYS A 488 6.54 -13.08 27.53
N ASN A 489 7.77 -13.19 28.04
CA ASN A 489 8.59 -12.02 28.30
C ASN A 489 9.49 -11.64 27.12
N GLU A 490 9.42 -12.37 26.02
CA GLU A 490 10.23 -12.10 24.85
C GLU A 490 9.36 -11.59 23.70
N SER A 491 10.03 -11.10 22.65
CA SER A 491 9.33 -10.59 21.47
C SER A 491 8.92 -11.68 20.50
N PHE A 492 9.38 -12.92 20.69
CA PHE A 492 8.97 -14.05 19.86
C PHE A 492 7.52 -14.43 20.08
N TYR A 493 6.89 -13.90 21.13
CA TYR A 493 5.47 -14.14 21.36
C TYR A 493 4.63 -13.63 20.20
N TYR A 494 4.99 -12.47 19.65
CA TYR A 494 4.29 -11.94 18.49
C TYR A 494 4.43 -12.85 17.28
N THR A 495 5.63 -13.41 17.09
CA THR A 495 5.85 -14.33 15.98
C THR A 495 4.98 -15.58 16.11
N VAL A 496 5.01 -16.22 17.28
CA VAL A 496 4.24 -17.44 17.45
C VAL A 496 2.75 -17.15 17.35
N MET A 497 2.30 -15.99 17.85
CA MET A 497 0.88 -15.69 17.80
C MET A 497 0.43 -15.33 16.39
N ASN A 498 1.28 -14.68 15.59
CA ASN A 498 0.94 -14.44 14.20
C ASN A 498 0.85 -15.76 13.43
N ILE A 499 1.75 -16.70 13.73
CA ILE A 499 1.66 -18.03 13.12
C ILE A 499 0.34 -18.69 13.47
N LEU A 500 -0.03 -18.66 14.76
CA LEU A 500 -1.28 -19.28 15.18
C LEU A 500 -2.49 -18.59 14.56
N LEU A 501 -2.47 -17.26 14.47
CA LEU A 501 -3.59 -16.53 13.87
C LEU A 501 -3.75 -16.86 12.39
N GLY A 502 -2.62 -16.97 11.69
CA GLY A 502 -2.68 -17.43 10.31
C GLY A 502 -3.30 -18.82 10.19
N VAL A 503 -2.87 -19.73 11.06
CA VAL A 503 -3.46 -21.08 11.05
C VAL A 503 -4.96 -21.01 11.34
N TYR A 504 -5.36 -20.17 12.30
CA TYR A 504 -6.76 -20.07 12.68
C TYR A 504 -7.62 -19.58 11.52
N VAL A 505 -7.23 -18.46 10.91
CA VAL A 505 -8.05 -17.91 9.84
C VAL A 505 -7.99 -18.76 8.59
N LYS A 506 -6.92 -19.57 8.44
CA LYS A 506 -6.90 -20.53 7.34
C LYS A 506 -7.77 -21.74 7.63
N SER A 507 -8.06 -22.02 8.89
CA SER A 507 -8.87 -23.18 9.25
C SER A 507 -10.36 -22.85 9.38
N GLY A 508 -10.72 -21.63 9.77
CA GLY A 508 -12.11 -21.26 9.89
C GLY A 508 -12.52 -20.76 11.26
N ILE A 509 -11.55 -20.24 12.01
CA ILE A 509 -11.78 -19.74 13.37
C ILE A 509 -11.77 -18.22 13.36
N GLN A 510 -12.82 -17.63 13.94
CA GLN A 510 -12.94 -16.19 14.07
C GLN A 510 -12.41 -15.79 15.44
N PRO A 511 -11.28 -15.07 15.52
CA PRO A 511 -10.70 -14.79 16.85
C PRO A 511 -11.48 -13.75 17.64
N TRP A 512 -11.92 -12.66 17.02
CA TRP A 512 -12.62 -11.62 17.73
C TRP A 512 -13.52 -10.86 16.76
N ILE A 513 -14.43 -10.06 17.32
CA ILE A 513 -15.31 -9.18 16.58
C ILE A 513 -15.28 -7.80 17.26
N LEU A 514 -16.09 -6.89 16.73
CA LEU A 514 -16.23 -5.56 17.32
C LEU A 514 -17.27 -5.58 18.43
N ALA A 515 -16.94 -4.96 19.56
CA ALA A 515 -17.86 -4.94 20.69
C ALA A 515 -19.11 -4.14 20.39
N ASN A 516 -18.97 -3.00 19.71
CA ASN A 516 -20.08 -2.11 19.41
C ASN A 516 -20.50 -2.24 17.96
N THR A 517 -21.76 -1.94 17.70
CA THR A 517 -22.32 -2.01 16.36
C THR A 517 -21.86 -0.82 15.52
N THR A 518 -21.96 -0.97 14.20
CA THR A 518 -21.63 0.07 13.25
C THR A 518 -22.91 0.64 12.64
N HIS A 519 -22.75 1.66 11.80
CA HIS A 519 -23.87 2.33 11.17
C HIS A 519 -24.33 1.66 9.89
N SER A 520 -23.64 0.60 9.45
CA SER A 520 -23.99 -0.11 8.23
C SER A 520 -24.01 -1.61 8.52
N ASP A 521 -24.82 -2.34 7.75
CA ASP A 521 -24.97 -3.77 7.94
C ASP A 521 -23.93 -4.57 7.17
N CYS A 522 -23.87 -4.38 5.85
CA CYS A 522 -22.99 -5.12 4.98
C CYS A 522 -21.82 -4.26 4.53
N PHE A 523 -20.75 -4.91 4.11
CA PHE A 523 -19.59 -4.23 3.55
C PHE A 523 -19.02 -5.06 2.41
N ILE A 524 -18.59 -4.38 1.35
CA ILE A 524 -17.99 -5.02 0.19
C ILE A 524 -16.70 -4.27 -0.16
N GLY A 525 -15.62 -5.01 -0.38
CA GLY A 525 -14.36 -4.45 -0.83
C GLY A 525 -14.05 -4.94 -2.23
N ILE A 526 -13.64 -4.01 -3.09
CA ILE A 526 -13.38 -4.29 -4.50
C ILE A 526 -12.00 -3.78 -4.86
N ASP A 527 -11.22 -4.62 -5.56
CA ASP A 527 -9.88 -4.25 -5.99
C ASP A 527 -9.53 -5.02 -7.25
N VAL A 528 -8.60 -4.47 -8.02
CA VAL A 528 -8.12 -5.08 -9.26
C VAL A 528 -6.60 -5.01 -9.30
N SER A 529 -5.97 -6.11 -9.71
CA SER A 529 -4.52 -6.23 -9.77
C SER A 529 -4.06 -6.36 -11.21
N HIS A 530 -2.85 -5.86 -11.49
CA HIS A 530 -2.30 -5.84 -12.84
C HIS A 530 -0.92 -6.48 -12.83
N GLU A 531 -0.73 -7.49 -13.68
CA GLU A 531 0.56 -8.15 -13.83
C GLU A 531 0.65 -8.73 -15.23
N ASN A 532 1.68 -8.32 -15.97
CA ASN A 532 2.00 -8.90 -17.28
C ASN A 532 0.83 -8.82 -18.24
N GLY A 533 0.09 -7.71 -18.20
CA GLY A 533 -1.02 -7.53 -19.09
C GLY A 533 -2.26 -8.32 -18.74
N ASN A 534 -2.30 -8.90 -17.53
CA ASN A 534 -3.46 -9.64 -17.05
C ASN A 534 -4.02 -8.96 -15.82
N SER A 535 -5.30 -9.21 -15.55
CA SER A 535 -5.98 -8.57 -14.43
C SER A 535 -6.81 -9.59 -13.67
N ALA A 536 -6.92 -9.37 -12.36
CA ALA A 536 -7.76 -10.18 -11.49
C ALA A 536 -8.43 -9.27 -10.48
N ALA A 537 -9.63 -9.65 -10.06
CA ALA A 537 -10.45 -8.85 -9.15
C ALA A 537 -10.49 -9.50 -7.77
N GLY A 538 -10.27 -8.68 -6.74
CA GLY A 538 -10.41 -9.12 -5.37
C GLY A 538 -11.68 -8.57 -4.77
N MET A 539 -12.57 -9.47 -4.33
CA MET A 539 -13.87 -9.10 -3.79
C MET A 539 -14.05 -9.79 -2.44
N MET A 540 -14.50 -9.05 -1.45
CA MET A 540 -14.63 -9.54 -0.09
C MET A 540 -16.05 -9.29 0.43
N ASN A 541 -16.43 -10.09 1.42
CA ASN A 541 -17.70 -9.93 2.12
C ASN A 541 -17.42 -9.77 3.61
N VAL A 542 -18.00 -8.72 4.21
CA VAL A 542 -18.05 -8.56 5.65
C VAL A 542 -19.52 -8.56 6.02
N ILE A 543 -19.96 -9.60 6.72
CA ILE A 543 -21.38 -9.83 7.02
C ILE A 543 -21.60 -9.54 8.49
N GLY A 544 -22.53 -8.64 8.77
CA GLY A 544 -22.83 -8.22 10.12
C GLY A 544 -22.25 -6.86 10.44
N SER A 545 -22.90 -6.18 11.38
CA SER A 545 -22.44 -4.85 11.79
C SER A 545 -21.14 -4.93 12.58
N GLN A 546 -20.95 -5.98 13.37
CA GLN A 546 -19.73 -6.15 14.15
C GLN A 546 -18.66 -6.97 13.44
N GLY A 547 -18.95 -7.46 12.23
CA GLY A 547 -18.01 -8.31 11.52
C GLY A 547 -18.07 -9.74 12.00
N HIS A 548 -19.28 -10.28 12.12
CA HIS A 548 -19.44 -11.65 12.62
C HIS A 548 -18.85 -12.67 11.67
N LEU A 549 -18.74 -12.35 10.39
CA LEU A 549 -18.30 -13.31 9.38
C LEU A 549 -17.49 -12.55 8.33
N ILE A 550 -16.18 -12.78 8.31
CA ILE A 550 -15.29 -12.19 7.31
C ILE A 550 -14.95 -13.27 6.29
N GLN A 551 -15.18 -12.97 5.02
CA GLN A 551 -15.17 -13.99 3.98
C GLN A 551 -14.97 -13.31 2.63
N GLN A 552 -14.59 -14.10 1.63
CA GLN A 552 -14.47 -13.62 0.26
C GLN A 552 -15.61 -14.16 -0.57
N ALA A 553 -15.94 -13.42 -1.63
CA ALA A 553 -17.03 -13.81 -2.50
C ALA A 553 -16.69 -15.12 -3.23
N PRO A 554 -17.60 -16.09 -3.26
CA PRO A 554 -17.35 -17.35 -3.98
C PRO A 554 -17.51 -17.19 -5.49
N LEU A 555 -16.72 -16.30 -6.07
CA LEU A 555 -16.79 -16.00 -7.49
C LEU A 555 -15.39 -16.08 -8.08
N ASN A 556 -15.34 -16.34 -9.39
CA ASN A 556 -14.07 -16.45 -10.09
C ASN A 556 -13.53 -15.05 -10.37
N GLY A 557 -12.35 -14.75 -9.84
CA GLY A 557 -11.75 -13.44 -9.94
C GLY A 557 -10.93 -13.16 -11.18
N ILE A 558 -10.77 -14.14 -12.06
CA ILE A 558 -10.00 -13.92 -13.29
C ILE A 558 -10.89 -13.25 -14.32
N LEU A 559 -10.46 -12.10 -14.82
CA LEU A 559 -11.19 -11.31 -15.80
C LEU A 559 -10.24 -10.83 -16.89
N ALA A 560 -10.79 -10.64 -18.09
CA ALA A 560 -10.02 -10.24 -19.26
C ALA A 560 -10.22 -8.74 -19.49
N GLY A 561 -9.14 -7.98 -19.36
CA GLY A 561 -9.19 -6.53 -19.53
C GLY A 561 -9.77 -5.87 -18.30
N GLU A 562 -9.20 -4.73 -17.88
CA GLU A 562 -9.59 -4.13 -16.61
C GLU A 562 -10.97 -3.51 -16.77
N LYS A 563 -11.98 -4.38 -16.74
CA LYS A 563 -13.37 -3.97 -16.82
C LYS A 563 -14.20 -4.94 -16.00
N ILE A 564 -14.67 -4.50 -14.84
CA ILE A 564 -15.58 -5.30 -14.02
C ILE A 564 -16.95 -5.23 -14.69
N ASP A 565 -17.32 -6.29 -15.42
CA ASP A 565 -18.52 -6.28 -16.23
C ASP A 565 -19.77 -6.22 -15.36
N ASP A 566 -20.90 -5.96 -16.01
CA ASP A 566 -22.17 -5.83 -15.29
C ASP A 566 -22.59 -7.16 -14.67
N THR A 567 -22.31 -8.27 -15.35
CA THR A 567 -22.69 -9.58 -14.82
C THR A 567 -21.95 -9.88 -13.51
N LEU A 568 -20.64 -9.59 -13.46
CA LEU A 568 -19.88 -9.86 -12.26
C LEU A 568 -20.35 -9.01 -11.09
N LEU A 569 -20.60 -7.72 -11.33
CA LEU A 569 -21.07 -6.85 -10.26
C LEU A 569 -22.44 -7.26 -9.78
N ALA A 570 -23.35 -7.59 -10.70
CA ALA A 570 -24.68 -8.05 -10.30
C ALA A 570 -24.60 -9.33 -9.47
N ASN A 571 -23.75 -10.27 -9.90
CA ASN A 571 -23.60 -11.51 -9.15
C ASN A 571 -23.02 -11.26 -7.76
N LEU A 572 -22.05 -10.35 -7.67
CA LEU A 572 -21.45 -10.04 -6.37
C LEU A 572 -22.48 -9.44 -5.42
N LEU A 573 -23.28 -8.49 -5.91
CA LEU A 573 -24.31 -7.88 -5.07
C LEU A 573 -25.35 -8.91 -4.64
N LYS A 574 -25.82 -9.74 -5.58
CA LYS A 574 -26.84 -10.71 -5.27
C LYS A 574 -26.34 -11.76 -4.28
N GLN A 575 -25.10 -12.22 -4.44
CA GLN A 575 -24.56 -13.18 -3.49
C GLN A 575 -24.32 -12.56 -2.12
N MET A 576 -23.95 -11.28 -2.07
CA MET A 576 -23.82 -10.60 -0.78
C MET A 576 -25.17 -10.57 -0.06
N ILE A 577 -26.22 -10.20 -0.79
CA ILE A 577 -27.55 -10.13 -0.18
C ILE A 577 -28.00 -11.51 0.28
N LYS A 578 -27.79 -12.53 -0.55
CA LYS A 578 -28.20 -13.89 -0.20
C LYS A 578 -27.43 -14.39 1.02
N ALA A 579 -26.13 -14.11 1.09
CA ALA A 579 -25.34 -14.54 2.23
C ALA A 579 -25.78 -13.86 3.51
N TYR A 580 -26.06 -12.55 3.46
CA TYR A 580 -26.56 -11.87 4.65
C TYR A 580 -27.91 -12.44 5.09
N HIS A 581 -28.80 -12.71 4.13
CA HIS A 581 -30.09 -13.28 4.48
C HIS A 581 -29.94 -14.66 5.11
N THR A 582 -29.01 -15.47 4.58
CA THR A 582 -28.76 -16.78 5.17
C THR A 582 -28.23 -16.65 6.58
N GLN A 583 -27.33 -15.69 6.81
CA GLN A 583 -26.71 -15.55 8.13
C GLN A 583 -27.69 -15.03 9.16
N PHE A 584 -28.55 -14.08 8.79
CA PHE A 584 -29.37 -13.37 9.76
C PHE A 584 -30.88 -13.59 9.60
N GLN A 585 -31.32 -14.37 8.62
CA GLN A 585 -32.73 -14.64 8.37
C GLN A 585 -33.53 -13.38 8.05
N ARG A 586 -32.87 -12.30 7.66
CA ARG A 586 -33.54 -11.07 7.29
C ARG A 586 -32.65 -10.27 6.35
N PHE A 587 -33.29 -9.54 5.44
CA PHE A 587 -32.55 -8.76 4.46
C PHE A 587 -31.88 -7.56 5.14
N PRO A 588 -30.71 -7.15 4.64
CA PRO A 588 -30.02 -6.00 5.24
C PRO A 588 -30.72 -4.70 4.88
N LYS A 589 -30.47 -3.68 5.72
CA LYS A 589 -31.03 -2.36 5.50
C LYS A 589 -30.12 -1.49 4.64
N HIS A 590 -28.82 -1.49 4.93
CA HIS A 590 -27.87 -0.65 4.22
C HIS A 590 -26.63 -1.46 3.89
N ILE A 591 -26.09 -1.25 2.70
CA ILE A 591 -24.87 -1.91 2.25
C ILE A 591 -23.86 -0.85 1.83
N THR A 592 -22.64 -0.97 2.31
CA THR A 592 -21.56 -0.05 1.96
C THR A 592 -20.58 -0.73 1.01
N ILE A 593 -20.18 -0.01 -0.03
CA ILE A 593 -19.21 -0.49 -1.00
C ILE A 593 -17.92 0.32 -0.82
N HIS A 594 -16.84 -0.36 -0.44
CA HIS A 594 -15.54 0.26 -0.31
C HIS A 594 -14.72 -0.10 -1.55
N ARG A 595 -14.21 0.92 -2.24
CA ARG A 595 -13.46 0.74 -3.47
C ARG A 595 -12.03 1.22 -3.28
N ASP A 596 -11.08 0.46 -3.79
CA ASP A 596 -9.67 0.84 -3.76
C ASP A 596 -9.36 1.61 -5.03
N GLY A 597 -9.01 2.88 -4.89
CA GLY A 597 -8.85 3.76 -6.02
C GLY A 597 -10.14 4.48 -6.36
N PHE A 598 -10.25 4.89 -7.62
CA PHE A 598 -11.42 5.62 -8.08
C PHE A 598 -12.48 4.66 -8.59
N TRP A 599 -13.75 4.99 -8.32
CA TRP A 599 -14.87 4.16 -8.74
C TRP A 599 -15.11 4.39 -10.23
N ARG A 600 -14.91 3.34 -11.02
CA ARG A 600 -15.08 3.42 -12.46
C ARG A 600 -16.21 2.55 -12.98
N GLU A 601 -16.85 1.76 -12.12
CA GLU A 601 -17.90 0.86 -12.55
C GLU A 601 -19.20 1.63 -12.78
N HIS A 602 -20.18 0.93 -13.34
CA HIS A 602 -21.46 1.54 -13.70
C HIS A 602 -22.30 1.71 -12.43
N THR A 603 -22.52 2.96 -12.03
CA THR A 603 -23.25 3.26 -10.81
C THR A 603 -24.77 3.14 -10.98
N ALA A 604 -25.27 3.07 -12.22
CA ALA A 604 -26.69 2.87 -12.43
C ALA A 604 -27.10 1.43 -12.18
N LEU A 605 -26.23 0.47 -12.51
CA LEU A 605 -26.54 -0.93 -12.25
C LEU A 605 -26.69 -1.19 -10.77
N VAL A 606 -25.85 -0.56 -9.95
CA VAL A 606 -25.93 -0.75 -8.50
C VAL A 606 -27.30 -0.31 -7.99
N GLU A 607 -27.76 0.87 -8.40
CA GLU A 607 -29.05 1.34 -7.93
C GLU A 607 -30.19 0.51 -8.50
N LYS A 608 -30.07 0.04 -9.74
CA LYS A 608 -31.11 -0.82 -10.30
C LYS A 608 -31.23 -2.12 -9.53
N ILE A 609 -30.10 -2.70 -9.12
CA ILE A 609 -30.14 -3.93 -8.34
C ILE A 609 -30.66 -3.67 -6.93
N MET A 610 -30.24 -2.56 -6.31
CA MET A 610 -30.55 -2.34 -4.90
C MET A 610 -32.00 -1.90 -4.70
N SER A 611 -32.56 -1.09 -5.62
CA SER A 611 -33.94 -0.65 -5.48
C SER A 611 -34.93 -1.80 -5.64
N HIS A 612 -34.52 -2.89 -6.29
CA HIS A 612 -35.40 -4.05 -6.41
C HIS A 612 -35.71 -4.65 -5.04
N TYR A 613 -34.70 -4.75 -4.19
CA TYR A 613 -34.87 -5.32 -2.85
C TYR A 613 -35.18 -4.27 -1.80
N GLU A 614 -35.36 -3.01 -2.19
CA GLU A 614 -35.59 -1.89 -1.27
C GLU A 614 -34.52 -1.84 -0.17
N ILE A 615 -33.27 -1.79 -0.61
CA ILE A 615 -32.13 -1.69 0.29
C ILE A 615 -31.31 -0.48 -0.10
N THR A 616 -31.00 0.37 0.88
CA THR A 616 -30.16 1.54 0.64
C THR A 616 -28.70 1.12 0.48
N TYR A 617 -27.87 2.03 0.00
CA TYR A 617 -26.48 1.72 -0.26
C TYR A 617 -25.65 2.99 -0.25
N ASP A 618 -24.33 2.82 -0.24
CA ASP A 618 -23.38 3.91 -0.35
C ASP A 618 -22.13 3.41 -1.06
N ILE A 619 -21.45 4.31 -1.75
CA ILE A 619 -20.21 4.01 -2.47
C ILE A 619 -19.12 4.94 -1.96
N VAL A 620 -18.00 4.37 -1.54
CA VAL A 620 -16.89 5.11 -0.95
C VAL A 620 -15.61 4.77 -1.69
N GLU A 621 -14.87 5.78 -2.11
CA GLU A 621 -13.53 5.62 -2.66
C GLU A 621 -12.51 5.90 -1.56
N ILE A 622 -11.59 4.97 -1.36
CA ILE A 622 -10.55 5.09 -0.35
C ILE A 622 -9.21 5.14 -1.09
N ILE A 623 -8.45 6.21 -0.86
CA ILE A 623 -7.22 6.48 -1.59
C ILE A 623 -6.07 6.34 -0.61
N LYS A 624 -5.21 5.36 -0.83
CA LYS A 624 -3.94 5.30 -0.13
C LYS A 624 -2.90 6.10 -0.92
N LYS A 625 -1.92 6.65 -0.20
CA LYS A 625 -0.94 7.55 -0.77
C LYS A 625 -1.60 8.77 -1.40
N PRO A 626 -2.16 9.68 -0.59
CA PRO A 626 -2.72 10.92 -1.14
C PRO A 626 -1.69 12.03 -1.35
N ASN A 627 -0.41 11.77 -1.01
CA ASN A 627 0.67 12.75 -1.15
C ASN A 627 0.41 14.01 -0.33
N ARG A 628 -0.08 13.82 0.90
CA ARG A 628 -0.28 14.90 1.85
C ARG A 628 0.21 14.44 3.22
N ARG A 629 0.33 15.38 4.15
CA ARG A 629 0.78 15.04 5.50
C ARG A 629 0.02 15.86 6.53
N MET A 630 -0.11 15.29 7.73
CA MET A 630 -0.90 15.83 8.83
C MET A 630 -0.04 15.88 10.08
N ALA A 631 -0.17 16.96 10.86
CA ALA A 631 0.59 17.04 12.10
C ALA A 631 -0.04 18.07 13.03
N PHE A 632 0.35 17.99 14.30
CA PHE A 632 -0.01 18.96 15.32
C PHE A 632 1.24 19.70 15.74
N PHE A 633 1.18 21.04 15.74
CA PHE A 633 2.31 21.86 16.15
C PHE A 633 2.14 22.27 17.60
N ASN A 634 3.18 22.05 18.39
CA ASN A 634 3.21 22.42 19.81
C ASN A 634 4.16 23.60 19.93
N SER A 635 3.60 24.80 20.07
CA SER A 635 4.42 26.01 20.13
C SER A 635 5.28 26.08 21.39
N VAL A 636 4.93 25.32 22.43
CA VAL A 636 5.75 25.30 23.64
C VAL A 636 7.12 24.71 23.36
N ASP A 637 7.16 23.61 22.59
CA ASP A 637 8.41 22.92 22.30
C ASP A 637 8.85 23.04 20.85
N ASN A 638 8.06 23.69 20.00
CA ASN A 638 8.39 23.86 18.58
C ASN A 638 8.62 22.51 17.90
N THR A 639 7.71 21.56 18.14
CA THR A 639 7.79 20.23 17.57
C THR A 639 6.46 19.84 16.95
N PHE A 640 6.53 18.94 15.98
CA PHE A 640 5.35 18.39 15.34
C PHE A 640 5.12 16.96 15.82
N SER A 641 3.84 16.60 15.95
CA SER A 641 3.45 15.27 16.39
C SER A 641 2.26 14.80 15.59
N THR A 642 1.82 13.57 15.83
CA THR A 642 0.70 12.98 15.13
C THR A 642 -0.12 12.15 16.10
N ARG A 643 -1.44 12.22 16.00
CA ARG A 643 -2.35 11.48 16.85
C ARG A 643 -3.23 10.58 16.00
N GLN A 644 -3.28 9.30 16.33
CA GLN A 644 -4.10 8.35 15.60
C GLN A 644 -5.57 8.63 15.81
N GLY A 645 -6.35 8.51 14.74
CA GLY A 645 -7.77 8.75 14.80
C GLY A 645 -8.20 10.17 14.50
N THR A 646 -7.32 10.99 13.94
CA THR A 646 -7.64 12.37 13.61
C THR A 646 -8.26 12.46 12.21
N VAL A 647 -9.27 13.30 12.07
CA VAL A 647 -10.00 13.47 10.81
C VAL A 647 -9.97 14.94 10.42
N TYR A 648 -9.59 15.21 9.17
CA TYR A 648 -9.77 16.51 8.53
C TYR A 648 -10.85 16.34 7.48
N GLN A 649 -11.94 17.11 7.59
CA GLN A 649 -13.06 16.98 6.69
C GLN A 649 -13.39 18.30 6.02
N ARG A 650 -13.64 18.26 4.71
CA ARG A 650 -14.03 19.44 3.95
C ARG A 650 -14.91 18.97 2.80
N GLY A 651 -16.22 19.05 2.98
CA GLY A 651 -17.14 18.61 1.94
C GLY A 651 -17.38 17.11 2.04
N ASN A 652 -17.32 16.43 0.90
CA ASN A 652 -17.46 14.99 0.83
C ASN A 652 -16.12 14.28 0.72
N GLU A 653 -15.04 14.95 1.13
CA GLU A 653 -13.70 14.38 1.12
C GLU A 653 -13.05 14.59 2.49
N ALA A 654 -12.25 13.62 2.92
CA ALA A 654 -11.67 13.66 4.25
C ALA A 654 -10.29 13.05 4.23
N PHE A 655 -9.51 13.39 5.27
CA PHE A 655 -8.22 12.79 5.55
C PHE A 655 -8.27 12.14 6.92
N LEU A 656 -7.72 10.93 7.03
CA LEU A 656 -7.76 10.17 8.28
C LEU A 656 -6.37 9.66 8.63
N CYS A 657 -6.03 9.74 9.92
CA CYS A 657 -4.81 9.16 10.45
C CYS A 657 -5.15 7.86 11.17
N ALA A 658 -4.49 6.76 10.78
CA ALA A 658 -4.83 5.44 11.28
C ALA A 658 -3.67 4.68 11.89
N THR A 659 -2.48 5.26 11.96
CA THR A 659 -1.29 4.56 12.44
C THR A 659 -0.51 5.44 13.40
N ASN A 660 0.34 4.80 14.20
CA ASN A 660 1.22 5.47 15.14
C ASN A 660 2.63 4.92 15.01
N PRO A 661 3.31 5.19 13.90
CA PRO A 661 4.67 4.67 13.72
C PRO A 661 5.66 5.35 14.66
N GLN A 662 6.76 4.65 14.92
CA GLN A 662 7.80 5.14 15.80
C GLN A 662 8.64 6.20 15.10
N GLN A 663 9.57 6.79 15.86
CA GLN A 663 10.39 7.87 15.33
C GLN A 663 11.34 7.37 14.24
N LYS A 664 11.89 6.17 14.41
CA LYS A 664 12.84 5.62 13.46
C LYS A 664 12.17 4.81 12.35
N VAL A 665 10.84 4.76 12.33
CA VAL A 665 10.13 4.04 11.28
C VAL A 665 9.66 5.04 10.22
N GLY A 666 9.43 6.29 10.63
CA GLY A 666 9.02 7.32 9.71
C GLY A 666 7.88 8.18 10.22
N MET A 667 6.95 8.52 9.33
CA MET A 667 5.83 9.39 9.65
C MET A 667 4.56 8.77 9.09
N ALA A 668 3.45 8.97 9.79
CA ALA A 668 2.19 8.32 9.41
C ALA A 668 1.70 8.80 8.06
N GLN A 669 1.20 7.87 7.26
CA GLN A 669 0.61 8.20 5.96
C GLN A 669 -0.90 8.38 6.12
N PRO A 670 -1.45 9.52 5.73
CA PRO A 670 -2.91 9.71 5.81
C PRO A 670 -3.64 8.84 4.80
N ILE A 671 -4.96 8.82 4.94
CA ILE A 671 -5.86 8.14 4.02
C ILE A 671 -6.90 9.16 3.55
N LYS A 672 -7.15 9.18 2.25
CA LYS A 672 -8.15 10.07 1.67
C LYS A 672 -9.44 9.28 1.43
N ILE A 673 -10.54 9.76 2.01
CA ILE A 673 -11.85 9.13 1.88
C ILE A 673 -12.74 10.06 1.06
N HIS A 674 -13.42 9.50 0.06
CA HIS A 674 -14.31 10.27 -0.80
C HIS A 674 -15.65 9.54 -0.90
N GLN A 675 -16.74 10.26 -0.67
CA GLN A 675 -18.08 9.70 -0.74
C GLN A 675 -18.74 10.10 -2.05
N VAL A 676 -19.21 9.10 -2.80
CA VAL A 676 -19.85 9.37 -4.08
C VAL A 676 -21.36 9.50 -3.97
N THR A 677 -21.98 8.85 -2.98
CA THR A 677 -23.41 8.88 -2.81
C THR A 677 -23.79 9.85 -1.68
N LYS A 678 -25.08 9.88 -1.32
CA LYS A 678 -25.60 10.85 -0.38
C LYS A 678 -26.41 10.25 0.76
N THR A 679 -26.55 8.93 0.82
CA THR A 679 -27.51 8.33 1.74
C THR A 679 -27.18 8.60 3.20
N LEU A 680 -25.95 8.30 3.61
CA LEU A 680 -25.59 8.39 5.02
C LEU A 680 -24.78 9.66 5.29
N PRO A 681 -24.77 10.12 6.54
CA PRO A 681 -23.85 11.20 6.91
C PRO A 681 -22.41 10.78 6.69
N PHE A 682 -21.59 11.75 6.28
CA PHE A 682 -20.19 11.46 5.98
C PHE A 682 -19.41 11.05 7.22
N SER A 683 -19.77 11.61 8.38
CA SER A 683 -19.08 11.26 9.62
C SER A 683 -19.28 9.80 9.97
N HIS A 684 -20.48 9.27 9.74
CA HIS A 684 -20.73 7.85 9.98
C HIS A 684 -19.87 6.97 9.07
N ILE A 685 -19.71 7.38 7.81
CA ILE A 685 -18.87 6.62 6.89
C ILE A 685 -17.42 6.64 7.31
N ILE A 686 -16.91 7.81 7.72
CA ILE A 686 -15.54 7.88 8.20
C ILE A 686 -15.36 7.01 9.43
N GLU A 687 -16.34 7.02 10.34
CA GLU A 687 -16.26 6.19 11.53
C GLU A 687 -16.24 4.72 11.18
N ASP A 688 -17.06 4.30 10.23
CA ASP A 688 -17.06 2.90 9.80
C ASP A 688 -15.72 2.51 9.20
N VAL A 689 -15.15 3.38 8.36
CA VAL A 689 -13.85 3.10 7.75
C VAL A 689 -12.78 2.94 8.82
N TYR A 690 -12.80 3.81 9.83
CA TYR A 690 -11.81 3.72 10.90
C TYR A 690 -12.01 2.46 11.75
N ASN A 691 -13.26 2.14 12.08
CA ASN A 691 -13.52 1.01 12.96
C ASN A 691 -13.31 -0.33 12.27
N LEU A 692 -13.43 -0.38 10.95
CA LEU A 692 -13.30 -1.64 10.23
C LEU A 692 -11.84 -2.03 10.04
N SER A 693 -10.90 -1.15 10.36
CA SER A 693 -9.47 -1.45 10.25
C SER A 693 -8.89 -2.09 11.50
N PHE A 694 -9.69 -2.20 12.56
CA PHE A 694 -9.27 -2.92 13.76
C PHE A 694 -9.56 -4.41 13.69
N LEU A 695 -10.16 -4.86 12.60
CA LEU A 695 -10.44 -6.28 12.38
C LEU A 695 -9.33 -6.93 11.56
N HIS A 696 -8.11 -6.82 12.06
CA HIS A 696 -6.96 -7.49 11.45
C HIS A 696 -6.79 -8.86 12.12
N ILE A 697 -7.74 -9.75 11.83
CA ILE A 697 -7.82 -11.03 12.53
C ILE A 697 -6.72 -12.01 12.10
N HIS A 698 -5.89 -11.64 11.14
CA HIS A 698 -4.81 -12.49 10.69
C HIS A 698 -3.48 -12.20 11.37
N ALA A 699 -3.38 -11.11 12.14
CA ALA A 699 -2.12 -10.74 12.76
C ALA A 699 -2.39 -9.87 13.98
N MET A 700 -1.45 -9.88 14.91
CA MET A 700 -1.55 -9.01 16.08
C MET A 700 -1.28 -7.56 15.72
N ASN A 701 -0.37 -7.32 14.79
CA ASN A 701 0.03 -5.96 14.45
C ASN A 701 -1.08 -5.24 13.69
N LYS A 702 -1.24 -3.95 14.00
CA LYS A 702 -2.33 -3.16 13.45
C LYS A 702 -2.01 -2.75 12.01
N MET A 703 -2.99 -2.94 11.12
CA MET A 703 -2.91 -2.50 9.74
C MET A 703 -3.57 -1.14 9.58
N ARG A 704 -3.23 -0.47 8.48
CA ARG A 704 -3.70 0.89 8.24
C ARG A 704 -5.06 0.92 7.55
N LEU A 705 -5.19 0.22 6.43
CA LEU A 705 -6.43 0.23 5.68
C LEU A 705 -7.50 -0.61 6.36
N PRO A 706 -8.77 -0.37 6.04
CA PRO A 706 -9.84 -1.22 6.57
C PRO A 706 -9.68 -2.67 6.11
N ALA A 707 -10.47 -3.54 6.74
CA ALA A 707 -10.38 -4.97 6.45
C ALA A 707 -10.74 -5.26 4.99
N THR A 708 -11.77 -4.60 4.49
CA THR A 708 -12.27 -4.90 3.15
C THR A 708 -11.20 -4.71 2.08
N ILE A 709 -10.56 -3.54 2.06
CA ILE A 709 -9.58 -3.25 1.03
C ILE A 709 -8.28 -4.02 1.26
N HIS A 710 -7.84 -4.11 2.51
CA HIS A 710 -6.61 -4.83 2.81
C HIS A 710 -6.70 -6.29 2.41
N TYR A 711 -7.88 -6.90 2.55
CA TYR A 711 -8.03 -8.30 2.16
C TYR A 711 -8.39 -8.46 0.69
N ALA A 712 -9.08 -7.49 0.08
CA ALA A 712 -9.35 -7.55 -1.35
C ALA A 712 -8.06 -7.46 -2.17
N ASP A 713 -7.11 -6.63 -1.70
CA ASP A 713 -5.81 -6.55 -2.36
C ASP A 713 -5.12 -7.92 -2.39
N LEU A 714 -5.07 -8.58 -1.23
CA LEU A 714 -4.44 -9.90 -1.16
C LEU A 714 -5.19 -10.92 -1.99
N SER A 715 -6.53 -10.87 -1.97
CA SER A 715 -7.31 -11.82 -2.77
C SER A 715 -7.04 -11.65 -4.25
N ALA A 716 -6.99 -10.40 -4.73
CA ALA A 716 -6.69 -10.17 -6.15
C ALA A 716 -5.30 -10.64 -6.50
N THR A 717 -4.31 -10.34 -5.64
CA THR A 717 -2.94 -10.78 -5.92
C THR A 717 -2.84 -12.30 -5.96
N ALA A 718 -3.52 -12.99 -5.05
CA ALA A 718 -3.50 -14.45 -5.04
C ALA A 718 -4.21 -15.03 -6.25
N TYR A 719 -5.29 -14.40 -6.72
CA TYR A 719 -5.93 -14.85 -7.95
C TYR A 719 -5.05 -14.61 -9.16
N GLN A 720 -4.24 -13.54 -9.13
CA GLN A 720 -3.34 -13.26 -10.25
C GLN A 720 -2.31 -14.37 -10.43
N ARG A 721 -1.78 -14.88 -9.32
CA ARG A 721 -0.73 -15.91 -9.35
C ARG A 721 -1.28 -17.33 -9.34
N GLY A 722 -2.60 -17.49 -9.40
CA GLY A 722 -3.18 -18.82 -9.44
C GLY A 722 -2.96 -19.63 -8.18
N GLN A 723 -3.09 -19.00 -7.02
CA GLN A 723 -2.85 -19.66 -5.74
C GLN A 723 -4.11 -19.87 -4.92
N VAL A 724 -5.30 -19.72 -5.51
CA VAL A 724 -6.55 -19.83 -4.78
C VAL A 724 -7.65 -20.23 -5.76
N MET A 725 -8.68 -20.89 -5.23
CA MET A 725 -9.86 -21.27 -5.98
C MET A 725 -11.08 -21.06 -5.10
N PRO A 726 -12.25 -20.78 -5.69
CA PRO A 726 -13.44 -20.51 -4.88
C PRO A 726 -13.86 -21.70 -4.03
N ARG A 727 -14.37 -21.39 -2.83
CA ARG A 727 -14.92 -22.38 -1.92
C ARG A 727 -16.24 -21.86 -1.37
N SER A 728 -17.26 -22.72 -1.33
CA SER A 728 -18.58 -22.34 -0.87
C SER A 728 -18.75 -22.73 0.59
N GLY A 729 -19.26 -21.81 1.39
CA GLY A 729 -19.45 -22.07 2.81
C GLY A 729 -19.97 -20.84 3.51
N ASN A 730 -20.10 -20.96 4.84
CA ASN A 730 -20.61 -19.88 5.67
C ASN A 730 -19.71 -19.62 6.88
N GLN A 731 -18.44 -20.00 6.80
CA GLN A 731 -17.47 -19.77 7.86
C GLN A 731 -16.40 -18.78 7.37
N THR A 732 -15.57 -18.35 8.31
CA THR A 732 -14.45 -17.47 7.96
C THR A 732 -13.48 -18.19 7.04
N ASN A 733 -13.09 -17.53 5.95
CA ASN A 733 -12.17 -18.10 4.98
C ASN A 733 -11.21 -17.01 4.52
N LEU A 734 -9.95 -17.13 4.92
CA LEU A 734 -8.91 -16.18 4.53
C LEU A 734 -7.66 -16.96 4.11
N PRO A 735 -7.73 -17.69 3.00
CA PRO A 735 -6.59 -18.54 2.61
C PRO A 735 -5.31 -17.78 2.35
N PHE A 736 -5.40 -16.55 1.84
CA PHE A 736 -4.22 -15.73 1.60
C PHE A 736 -3.66 -15.12 2.87
N VAL A 737 -4.50 -14.87 3.89
CA VAL A 737 -4.10 -14.25 5.15
C VAL A 737 -3.48 -12.87 4.96
MN MN E . -5.99 -0.65 -6.67
MN MN F . -4.13 -3.47 -4.53
MN MN G . 0.70 -15.30 5.56
#